data_8I4C
#
_entry.id   8I4C
#
_cell.length_a   1.00
_cell.length_b   1.00
_cell.length_c   1.00
_cell.angle_alpha   90.00
_cell.angle_beta   90.00
_cell.angle_gamma   90.00
#
_symmetry.space_group_name_H-M   'P 1'
#
loop_
_entity.id
_entity.type
_entity.pdbx_description
1 polymer 'ATP-binding cassette sub-family C member 4'
2 non-polymer '(5Z)-7-{(1R,4S,5S,6R)-6-[(1E,3S)-3-hydroxyoct-1-en-1-yl]-2-oxabicyclo[2.2.1]hept-5-yl}hept-5-enoic acid'
#
_entity_poly.entity_id   1
_entity_poly.type   'polypeptide(L)'
_entity_poly.pdbx_seq_one_letter_code
;MLPVYQEVKPNPLQDANLCSRVFFWWLNPLFKIGHKRRLEEDDMYSVLPEDRSQHLGEELQGFWDKEVLRAENDAQKPSL
TRAIIKCYWKSYLVLGIFTLIEESAKVIQPIFLGKIINYFENYDPMDSVALNTAYAYATVLTFCTLILAILHHLYFYHVQ
CAGMRLRVAMCHMIYRKALRLSNMAMGKTTTGQIVNLLSNDVNKFDQVTVFLHFLWAGPLQAIAVTALLWMEIGISCLAG
MAVLIILLPLQSCFGKLFSSLRSKTATFTDARIRTMNEVITGIRIIKMYAWEKSFSNLITNLRKKEISKILRSSCLRGMN
LASFFSASKIIVFVTFTTYVLLGSVITASRVFVAVTLYGAVRLTVTLFFPSAIERVSEAIVSIRRIQTFLLLDEISQRNR
QLPSDGKKMVHVQDFTAFWDKASETPTLQGLSFTVRPGELLAVVGPVGAGKSSLLSAVLGELAPSHGLVSVHGRIAYVSQ
QPWVFSGTLRSNILFGKKYEKERYEKVIKACALKKDLQLLEDGDLTVIGDRGTTLSGGQKARVNLARAVYQDADIYLLDD
PLSAVDAEVSRHLFELCICQILHEKITILVTHQLQYLKAASQILILKDGKMVQKGTYTEFLKSGIDFGSLLKKDNEESEQ
PPVPGTPTLRNRTFSESSVWSQQSSRPSLKDGALESQDTENVPVTLSEENRSEGKVGFQAYKNYFRAGAHWIVFIFLILL
NTAAQVAYVLQDWWLSYWANKQSMLNVTVNGGGNVTEKLDLNWYLGIYSGLTVATVLFGIARSLLVFYVLVNSSQTLHNK
MFESILKAPVLFFDRNPIGRILNRFSKDIGHLDDLLPLTFLDFIQTLLQVVGVVSVAVAVIPWIAIPLVPLGIIFIFLRR
YFLETSRDVKRLESTTRSPVFSHLSSSLQGLWTIRAYKAEERCQELFDAHQDLHSEAWFLFLTTSRWFAVRLDAICAMFV
IIVAFGSLILAKTLDAGQVGLALSYALTLMGMFQWCVRQSAEVENMMISVERVIEYTDLEKEAPWEYQKRPPPAWPHEGV
IIFDNVNFMYSPGGPLVLKHLTALIKSQEKVGIVGRTGAGKSSLISALFRLSEPEGKIWIDKILTTEIGLHDLRKKMSII
PQEPVLFTGTMRKNLDPFNEHTDEELWNALQEVQLKETIEDLPGKMDTELAESGSNFSVGQRQLVCLARAILRKNQILII
DEATANVDPRTDELIQKKIREKFAHCTVLTIAHRLNTIIDSDKIMVLDSGRLKEYDEPYVLLQNKESLFYKMVQQLGKAE
AAALTETAKQVYFKRNYPHIGHTDHMVTNTSNGQPSTLTIFETAL
;
_entity_poly.pdbx_strand_id   A
#
# COMPACT_ATOMS: atom_id res chain seq x y z
N LYS A 9 -12.79 -25.80 -15.73
CA LYS A 9 -12.43 -26.03 -14.33
C LYS A 9 -13.66 -26.25 -13.48
N PRO A 10 -14.20 -27.48 -13.51
CA PRO A 10 -15.44 -27.75 -12.78
C PRO A 10 -15.27 -27.56 -11.28
N ASN A 11 -16.37 -27.24 -10.62
CA ASN A 11 -16.37 -26.96 -9.19
C ASN A 11 -17.04 -28.11 -8.44
N PRO A 12 -16.31 -28.85 -7.60
CA PRO A 12 -16.93 -29.97 -6.88
C PRO A 12 -18.02 -29.53 -5.91
N LEU A 13 -18.14 -28.24 -5.61
CA LEU A 13 -19.25 -27.77 -4.79
C LEU A 13 -20.58 -27.98 -5.50
N GLN A 14 -20.56 -28.15 -6.82
CA GLN A 14 -21.81 -28.25 -7.59
C GLN A 14 -22.35 -29.67 -7.62
N ASP A 15 -21.48 -30.67 -7.50
CA ASP A 15 -21.87 -32.07 -7.60
C ASP A 15 -21.81 -32.80 -6.27
N ALA A 16 -21.85 -32.09 -5.16
CA ALA A 16 -21.64 -32.72 -3.86
C ALA A 16 -22.96 -32.97 -3.14
N ASN A 17 -22.90 -33.86 -2.14
CA ASN A 17 -24.03 -34.22 -1.31
C ASN A 17 -24.13 -33.20 -0.19
N LEU A 18 -25.11 -33.39 0.69
CA LEU A 18 -25.11 -32.62 1.94
C LEU A 18 -24.11 -33.10 2.99
N CYS A 19 -24.00 -34.42 3.15
CA CYS A 19 -23.01 -34.98 4.06
C CYS A 19 -21.60 -34.67 3.62
N SER A 20 -21.42 -34.25 2.35
CA SER A 20 -20.10 -33.86 1.89
C SER A 20 -19.88 -32.35 1.96
N ARG A 21 -20.96 -31.57 1.91
CA ARG A 21 -20.86 -30.13 2.03
C ARG A 21 -20.93 -29.64 3.47
N VAL A 22 -21.22 -30.52 4.43
CA VAL A 22 -21.14 -30.08 5.82
C VAL A 22 -19.71 -30.17 6.32
N PHE A 23 -19.00 -31.25 5.99
CA PHE A 23 -17.59 -31.40 6.32
C PHE A 23 -16.67 -30.86 5.23
N PHE A 24 -17.21 -30.15 4.25
CA PHE A 24 -16.44 -29.62 3.13
C PHE A 24 -15.56 -30.70 2.50
N TRP A 25 -16.13 -31.89 2.33
CA TRP A 25 -15.39 -33.02 1.81
C TRP A 25 -15.02 -32.89 0.34
N TRP A 26 -15.62 -31.95 -0.39
CA TRP A 26 -15.27 -31.76 -1.79
C TRP A 26 -13.93 -31.08 -1.96
N LEU A 27 -13.36 -30.54 -0.89
CA LEU A 27 -12.13 -29.76 -0.96
C LEU A 27 -10.89 -30.57 -0.64
N ASN A 28 -11.04 -31.85 -0.28
CA ASN A 28 -9.87 -32.67 -0.01
C ASN A 28 -8.93 -32.80 -1.19
N PRO A 29 -9.38 -33.01 -2.44
CA PRO A 29 -8.43 -33.07 -3.55
C PRO A 29 -7.47 -31.89 -3.62
N LEU A 30 -7.98 -30.66 -3.66
CA LEU A 30 -7.12 -29.48 -3.78
C LEU A 30 -6.03 -29.47 -2.72
N PHE A 31 -6.41 -29.70 -1.46
CA PHE A 31 -5.44 -29.75 -0.37
C PHE A 31 -4.31 -30.73 -0.68
N LYS A 32 -4.66 -31.90 -1.21
CA LYS A 32 -3.64 -32.89 -1.56
C LYS A 32 -2.69 -32.37 -2.62
N ILE A 33 -3.19 -31.65 -3.62
CA ILE A 33 -2.26 -30.97 -4.53
C ILE A 33 -1.52 -29.84 -3.81
N GLY A 34 -2.19 -29.13 -2.91
CA GLY A 34 -1.53 -28.06 -2.18
C GLY A 34 -0.40 -28.53 -1.29
N HIS A 35 -0.41 -29.81 -0.89
CA HIS A 35 0.64 -30.33 -0.03
C HIS A 35 1.91 -30.66 -0.82
N LYS A 36 1.78 -30.92 -2.12
CA LYS A 36 2.93 -31.33 -2.92
C LYS A 36 3.64 -30.15 -3.58
N ARG A 37 2.93 -29.41 -4.43
CA ARG A 37 3.52 -28.30 -5.16
C ARG A 37 2.83 -26.99 -4.79
N ARG A 38 3.30 -25.91 -5.41
CA ARG A 38 2.72 -24.61 -5.21
C ARG A 38 1.45 -24.47 -6.06
N LEU A 39 0.58 -23.56 -5.65
CA LEU A 39 -0.71 -23.37 -6.31
C LEU A 39 -0.64 -22.22 -7.30
N GLU A 40 -1.25 -22.42 -8.46
CA GLU A 40 -1.32 -21.44 -9.53
C GLU A 40 -2.78 -21.10 -9.80
N GLU A 41 -3.02 -20.37 -10.88
CA GLU A 41 -4.39 -20.04 -11.29
C GLU A 41 -5.07 -21.18 -12.03
N ASP A 42 -4.37 -22.28 -12.30
CA ASP A 42 -4.97 -23.42 -12.97
C ASP A 42 -5.49 -24.44 -11.96
N ASP A 43 -4.74 -24.69 -10.88
CA ASP A 43 -5.23 -25.53 -9.79
C ASP A 43 -6.50 -24.98 -9.16
N MET A 44 -6.83 -23.73 -9.45
CA MET A 44 -7.99 -23.01 -8.94
C MET A 44 -9.28 -23.74 -9.32
N TYR A 45 -10.40 -23.38 -8.70
CA TYR A 45 -11.71 -23.90 -9.07
C TYR A 45 -12.60 -22.76 -9.52
N SER A 46 -13.30 -22.95 -10.64
CA SER A 46 -14.19 -21.91 -11.17
C SER A 46 -15.37 -21.69 -10.24
N VAL A 47 -16.24 -20.76 -10.61
CA VAL A 47 -17.31 -20.32 -9.73
C VAL A 47 -18.63 -20.96 -10.15
N LEU A 48 -19.60 -20.89 -9.25
CA LEU A 48 -20.94 -21.37 -9.55
C LEU A 48 -21.58 -20.52 -10.65
N PRO A 49 -22.51 -21.08 -11.42
CA PRO A 49 -23.22 -20.25 -12.41
C PRO A 49 -23.98 -19.11 -11.78
N GLU A 50 -24.39 -19.24 -10.51
CA GLU A 50 -25.08 -18.17 -9.80
C GLU A 50 -24.13 -17.22 -9.09
N ASP A 51 -22.86 -17.18 -9.51
CA ASP A 51 -21.87 -16.29 -8.92
C ASP A 51 -21.08 -15.51 -9.95
N ARG A 52 -21.27 -15.76 -11.24
CA ARG A 52 -20.60 -14.97 -12.26
C ARG A 52 -20.99 -13.51 -12.13
N SER A 53 -19.99 -12.62 -12.21
CA SER A 53 -20.21 -11.20 -11.95
C SER A 53 -21.33 -10.62 -12.80
N GLN A 54 -21.43 -11.07 -14.06
CA GLN A 54 -22.43 -10.54 -14.97
C GLN A 54 -23.84 -10.79 -14.44
N HIS A 55 -24.10 -12.00 -13.92
CA HIS A 55 -25.44 -12.35 -13.46
C HIS A 55 -25.89 -11.46 -12.31
N LEU A 56 -25.07 -11.36 -11.26
CA LEU A 56 -25.44 -10.54 -10.11
C LEU A 56 -25.51 -9.07 -10.49
N GLY A 57 -24.60 -8.62 -11.34
CA GLY A 57 -24.66 -7.25 -11.80
C GLY A 57 -25.97 -6.94 -12.50
N GLU A 58 -26.39 -7.83 -13.39
CA GLU A 58 -27.65 -7.63 -14.11
C GLU A 58 -28.83 -7.62 -13.15
N GLU A 59 -28.87 -8.57 -12.20
CA GLU A 59 -30.01 -8.63 -11.29
C GLU A 59 -30.09 -7.38 -10.42
N LEU A 60 -28.99 -7.03 -9.75
CA LEU A 60 -29.04 -5.89 -8.84
C LEU A 60 -29.21 -4.60 -9.60
N GLN A 61 -28.68 -4.50 -10.82
CA GLN A 61 -28.94 -3.33 -11.64
C GLN A 61 -30.40 -3.23 -12.02
N GLY A 62 -31.04 -4.37 -12.33
CA GLY A 62 -32.47 -4.35 -12.58
C GLY A 62 -33.25 -3.82 -11.39
N PHE A 63 -32.93 -4.30 -10.19
CA PHE A 63 -33.64 -3.82 -9.01
C PHE A 63 -33.34 -2.35 -8.74
N TRP A 64 -32.09 -1.92 -8.97
CA TRP A 64 -31.73 -0.52 -8.75
C TRP A 64 -32.44 0.39 -9.74
N ASP A 65 -32.55 -0.04 -10.99
CA ASP A 65 -33.28 0.73 -11.99
C ASP A 65 -34.76 0.80 -11.65
N LYS A 66 -35.34 -0.30 -11.19
CA LYS A 66 -36.74 -0.25 -10.76
C LYS A 66 -36.92 0.72 -9.61
N GLU A 67 -35.98 0.72 -8.66
CA GLU A 67 -36.11 1.60 -7.50
C GLU A 67 -35.96 3.07 -7.90
N VAL A 68 -35.02 3.39 -8.79
CA VAL A 68 -34.87 4.78 -9.20
C VAL A 68 -36.05 5.22 -10.07
N LEU A 69 -36.60 4.30 -10.89
CA LEU A 69 -37.79 4.62 -11.66
C LEU A 69 -38.96 4.95 -10.73
N ARG A 70 -39.15 4.14 -9.68
CA ARG A 70 -40.21 4.44 -8.73
C ARG A 70 -39.95 5.74 -8.00
N ALA A 71 -38.68 6.04 -7.70
CA ALA A 71 -38.34 7.32 -7.08
C ALA A 71 -38.73 8.49 -7.97
N GLU A 72 -38.42 8.39 -9.26
CA GLU A 72 -38.85 9.42 -10.21
C GLU A 72 -40.38 9.53 -10.23
N ASN A 73 -41.06 8.38 -10.23
CA ASN A 73 -42.52 8.37 -10.25
C ASN A 73 -43.12 8.97 -8.98
N ASP A 74 -42.40 8.93 -7.87
CA ASP A 74 -42.95 9.36 -6.58
C ASP A 74 -42.24 10.59 -6.00
N ALA A 75 -41.21 11.09 -6.68
CA ALA A 75 -40.60 12.39 -6.36
C ALA A 75 -39.91 12.40 -4.99
N GLN A 76 -39.10 11.37 -4.72
CA GLN A 76 -38.21 11.39 -3.58
C GLN A 76 -36.87 10.77 -3.96
N LYS A 77 -35.86 11.06 -3.15
CA LYS A 77 -34.51 10.60 -3.43
C LYS A 77 -34.47 9.07 -3.47
N PRO A 78 -33.81 8.48 -4.46
CA PRO A 78 -33.68 7.02 -4.50
C PRO A 78 -32.56 6.51 -3.58
N SER A 79 -32.81 5.35 -3.00
CA SER A 79 -31.90 4.74 -2.05
C SER A 79 -31.44 3.39 -2.58
N LEU A 80 -30.12 3.20 -2.61
CA LEU A 80 -29.56 1.92 -3.03
C LEU A 80 -29.77 0.85 -1.97
N THR A 81 -29.82 1.24 -0.69
CA THR A 81 -30.07 0.28 0.38
C THR A 81 -31.36 -0.49 0.14
N ARG A 82 -32.40 0.19 -0.34
CA ARG A 82 -33.65 -0.50 -0.62
C ARG A 82 -33.50 -1.49 -1.76
N ALA A 83 -32.71 -1.15 -2.77
CA ALA A 83 -32.46 -2.10 -3.84
C ALA A 83 -31.73 -3.34 -3.34
N ILE A 84 -30.72 -3.13 -2.49
CA ILE A 84 -29.98 -4.25 -1.92
C ILE A 84 -30.91 -5.14 -1.10
N ILE A 85 -31.72 -4.53 -0.24
CA ILE A 85 -32.63 -5.30 0.60
C ILE A 85 -33.63 -6.06 -0.26
N LYS A 86 -34.19 -5.40 -1.28
CA LYS A 86 -35.14 -6.06 -2.17
C LYS A 86 -34.50 -7.27 -2.86
N CYS A 87 -33.27 -7.12 -3.34
CA CYS A 87 -32.64 -8.21 -4.06
C CYS A 87 -32.14 -9.32 -3.15
N TYR A 88 -31.93 -9.05 -1.86
CA TYR A 88 -31.27 -10.03 -1.01
C TYR A 88 -32.07 -10.55 0.19
N TRP A 89 -33.25 -10.01 0.50
CA TRP A 89 -33.94 -10.49 1.68
C TRP A 89 -34.36 -11.94 1.52
N LYS A 90 -34.79 -12.33 0.32
CA LYS A 90 -35.29 -13.68 0.10
C LYS A 90 -34.19 -14.71 0.29
N SER A 91 -32.92 -14.31 0.22
CA SER A 91 -31.81 -15.22 0.38
C SER A 91 -31.00 -14.95 1.64
N TYR A 92 -31.38 -13.89 2.37
CA TYR A 92 -30.69 -13.51 3.63
C TYR A 92 -31.54 -13.92 4.83
N LEU A 93 -32.82 -14.23 4.57
CA LEU A 93 -33.76 -14.66 5.65
C LEU A 93 -33.44 -16.10 6.06
N VAL A 94 -32.94 -16.91 5.11
CA VAL A 94 -32.57 -18.33 5.39
C VAL A 94 -31.47 -18.34 6.45
N LEU A 95 -30.39 -17.60 6.22
CA LEU A 95 -29.25 -17.54 7.18
C LEU A 95 -29.78 -17.19 8.57
N GLY A 96 -30.66 -16.20 8.65
CA GLY A 96 -31.24 -15.78 9.92
C GLY A 96 -31.99 -16.90 10.61
N ILE A 97 -32.73 -17.69 9.83
CA ILE A 97 -33.42 -18.85 10.38
C ILE A 97 -32.44 -19.79 11.04
N PHE A 98 -31.26 -19.99 10.42
CA PHE A 98 -30.29 -20.89 11.03
C PHE A 98 -29.61 -20.25 12.24
N THR A 99 -29.25 -18.96 12.18
CA THR A 99 -28.60 -18.35 13.33
C THR A 99 -29.54 -18.30 14.53
N LEU A 100 -30.84 -18.30 14.30
CA LEU A 100 -31.78 -18.45 15.41
C LEU A 100 -31.56 -19.79 16.10
N ILE A 101 -31.41 -20.85 15.31
CA ILE A 101 -31.15 -22.17 15.86
C ILE A 101 -29.81 -22.19 16.60
N GLU A 102 -28.80 -21.55 16.03
CA GLU A 102 -27.46 -21.53 16.64
C GLU A 102 -27.50 -20.85 18.00
N GLU A 103 -28.13 -19.68 18.08
CA GLU A 103 -28.24 -18.99 19.36
C GLU A 103 -29.11 -19.77 20.34
N SER A 104 -30.16 -20.43 19.84
CA SER A 104 -30.96 -21.25 20.72
C SER A 104 -30.14 -22.40 21.31
N ALA A 105 -29.26 -23.00 20.53
CA ALA A 105 -28.41 -24.07 21.06
C ALA A 105 -27.44 -23.53 22.10
N LYS A 106 -26.82 -22.38 21.81
CA LYS A 106 -25.91 -21.77 22.78
C LYS A 106 -26.61 -21.37 24.07
N VAL A 107 -27.92 -21.14 24.02
CA VAL A 107 -28.66 -20.85 25.24
C VAL A 107 -29.17 -22.12 25.91
N ILE A 108 -29.39 -23.19 25.14
CA ILE A 108 -29.99 -24.40 25.69
C ILE A 108 -28.94 -25.23 26.45
N GLN A 109 -27.78 -25.44 25.84
CA GLN A 109 -26.88 -26.47 26.39
C GLN A 109 -26.45 -26.24 27.85
N PRO A 110 -26.40 -25.01 28.39
CA PRO A 110 -26.17 -24.89 29.84
C PRO A 110 -27.20 -25.62 30.69
N ILE A 111 -28.46 -25.69 30.24
CA ILE A 111 -29.47 -26.36 31.04
C ILE A 111 -29.18 -27.84 31.18
N PHE A 112 -28.72 -28.47 30.11
CA PHE A 112 -28.39 -29.89 30.19
C PHE A 112 -27.08 -30.11 30.94
N LEU A 113 -26.15 -29.15 30.87
CA LEU A 113 -25.04 -29.15 31.81
C LEU A 113 -25.55 -29.18 33.25
N GLY A 114 -26.56 -28.36 33.54
CA GLY A 114 -27.13 -28.33 34.87
C GLY A 114 -27.78 -29.65 35.24
N LYS A 115 -28.45 -30.30 34.30
CA LYS A 115 -29.09 -31.58 34.61
C LYS A 115 -28.06 -32.66 34.92
N ILE A 116 -26.94 -32.67 34.18
CA ILE A 116 -25.86 -33.61 34.49
C ILE A 116 -25.31 -33.34 35.89
N ILE A 117 -25.03 -32.06 36.18
CA ILE A 117 -24.47 -31.72 37.48
C ILE A 117 -25.45 -32.08 38.59
N ASN A 118 -26.75 -31.90 38.34
CA ASN A 118 -27.77 -32.24 39.31
C ASN A 118 -27.88 -33.74 39.53
N TYR A 119 -27.66 -34.54 38.50
CA TYR A 119 -27.56 -35.98 38.71
C TYR A 119 -26.39 -36.30 39.62
N PHE A 120 -25.26 -35.63 39.40
CA PHE A 120 -24.11 -35.85 40.29
C PHE A 120 -24.37 -35.35 41.71
N GLU A 121 -25.25 -34.36 41.87
CA GLU A 121 -25.48 -33.78 43.18
C GLU A 121 -26.24 -34.73 44.09
N ASN A 122 -27.05 -35.62 43.52
CA ASN A 122 -27.82 -36.58 44.30
C ASN A 122 -27.41 -38.00 43.94
N TYR A 123 -26.11 -38.26 43.91
CA TYR A 123 -25.61 -39.54 43.45
C TYR A 123 -26.13 -40.69 44.30
N ASP A 124 -26.61 -41.74 43.63
CA ASP A 124 -26.95 -43.00 44.24
C ASP A 124 -26.56 -44.11 43.25
N PRO A 125 -25.52 -44.88 43.56
CA PRO A 125 -24.99 -45.82 42.55
C PRO A 125 -25.97 -46.90 42.12
N MET A 126 -27.01 -47.18 42.91
CA MET A 126 -27.92 -48.27 42.58
C MET A 126 -29.01 -47.82 41.61
N ASP A 127 -29.38 -46.54 41.66
CA ASP A 127 -30.48 -46.03 40.84
C ASP A 127 -29.98 -45.87 39.40
N SER A 128 -30.11 -46.93 38.61
CA SER A 128 -29.66 -46.91 37.22
C SER A 128 -30.58 -46.10 36.31
N VAL A 129 -31.82 -45.84 36.73
CA VAL A 129 -32.71 -45.01 35.93
C VAL A 129 -32.16 -43.58 35.84
N ALA A 130 -31.68 -43.05 36.97
CA ALA A 130 -31.06 -41.73 36.96
C ALA A 130 -29.80 -41.73 36.09
N LEU A 131 -29.05 -42.82 36.11
CA LEU A 131 -27.87 -42.92 35.27
C LEU A 131 -28.24 -42.88 33.79
N ASN A 132 -29.32 -43.58 33.42
CA ASN A 132 -29.75 -43.56 32.02
C ASN A 132 -30.26 -42.18 31.62
N THR A 133 -30.98 -41.51 32.51
CA THR A 133 -31.43 -40.14 32.20
C THR A 133 -30.25 -39.20 32.05
N ALA A 134 -29.21 -39.38 32.88
CA ALA A 134 -28.02 -38.55 32.74
C ALA A 134 -27.30 -38.83 31.44
N TYR A 135 -27.26 -40.09 31.02
CA TYR A 135 -26.68 -40.42 29.72
C TYR A 135 -27.47 -39.76 28.59
N ALA A 136 -28.79 -39.75 28.70
CA ALA A 136 -29.61 -39.06 27.69
C ALA A 136 -29.33 -37.56 27.67
N TYR A 137 -29.20 -36.96 28.86
CA TYR A 137 -28.88 -35.53 28.93
C TYR A 137 -27.53 -35.24 28.30
N ALA A 138 -26.54 -36.10 28.55
CA ALA A 138 -25.23 -35.93 27.93
C ALA A 138 -25.32 -36.08 26.42
N THR A 139 -26.15 -37.00 25.94
CA THR A 139 -26.33 -37.15 24.50
C THR A 139 -26.93 -35.91 23.88
N VAL A 140 -27.92 -35.30 24.55
CA VAL A 140 -28.48 -34.06 24.04
C VAL A 140 -27.45 -32.94 24.08
N LEU A 141 -26.58 -32.95 25.11
CA LEU A 141 -25.50 -31.96 25.17
C LEU A 141 -24.56 -32.12 23.98
N THR A 142 -24.20 -33.35 23.62
CA THR A 142 -23.32 -33.55 22.49
C THR A 142 -24.01 -33.21 21.17
N PHE A 143 -25.33 -33.39 21.10
CA PHE A 143 -26.05 -32.94 19.90
C PHE A 143 -26.01 -31.42 19.78
N CYS A 144 -26.17 -30.72 20.91
CA CYS A 144 -26.06 -29.26 20.87
C CYS A 144 -24.67 -28.83 20.44
N THR A 145 -23.63 -29.46 20.97
CA THR A 145 -22.27 -29.06 20.58
C THR A 145 -21.96 -29.47 19.14
N LEU A 146 -22.57 -30.53 18.63
CA LEU A 146 -22.32 -30.95 17.25
C LEU A 146 -23.17 -30.19 16.25
N ILE A 147 -24.18 -29.46 16.69
CA ILE A 147 -24.82 -28.50 15.80
C ILE A 147 -24.23 -27.10 15.98
N LEU A 148 -23.50 -26.86 17.06
CA LEU A 148 -22.75 -25.64 17.22
C LEU A 148 -21.33 -25.72 16.66
N ALA A 149 -20.88 -26.91 16.27
CA ALA A 149 -19.50 -27.09 15.82
C ALA A 149 -19.38 -27.60 14.39
N ILE A 150 -20.34 -28.37 13.90
CA ILE A 150 -20.25 -28.96 12.59
C ILE A 150 -21.19 -28.31 11.58
N LEU A 151 -22.34 -27.80 12.01
CA LEU A 151 -23.31 -27.17 11.13
C LEU A 151 -23.19 -25.65 11.12
N HIS A 152 -22.20 -25.10 11.82
CA HIS A 152 -21.99 -23.67 11.87
C HIS A 152 -21.03 -23.20 10.78
N HIS A 153 -20.46 -24.10 10.01
CA HIS A 153 -19.48 -23.73 8.99
C HIS A 153 -20.04 -23.77 7.58
N LEU A 154 -20.96 -24.69 7.30
CA LEU A 154 -21.76 -24.58 6.09
C LEU A 154 -22.75 -23.42 6.18
N TYR A 155 -22.86 -22.81 7.35
CA TYR A 155 -23.56 -21.55 7.57
C TYR A 155 -22.67 -20.34 7.43
N PHE A 156 -21.47 -20.38 8.02
CA PHE A 156 -20.56 -19.24 7.91
C PHE A 156 -20.08 -19.06 6.48
N TYR A 157 -19.92 -20.16 5.74
CA TYR A 157 -19.59 -20.04 4.32
C TYR A 157 -20.65 -19.23 3.59
N HIS A 158 -21.93 -19.56 3.80
CA HIS A 158 -22.98 -18.85 3.07
C HIS A 158 -23.13 -17.42 3.57
N VAL A 159 -22.88 -17.17 4.85
CA VAL A 159 -22.95 -15.80 5.34
C VAL A 159 -21.85 -14.95 4.73
N GLN A 160 -20.67 -15.52 4.50
CA GLN A 160 -19.64 -14.76 3.80
C GLN A 160 -19.89 -14.72 2.29
N CYS A 161 -20.61 -15.71 1.76
CA CYS A 161 -20.88 -15.74 0.33
C CYS A 161 -21.92 -14.71 -0.05
N ALA A 162 -22.88 -14.42 0.83
CA ALA A 162 -23.81 -13.34 0.56
C ALA A 162 -23.09 -12.01 0.43
N GLY A 163 -22.11 -11.76 1.31
CA GLY A 163 -21.32 -10.55 1.20
C GLY A 163 -20.44 -10.53 -0.05
N MET A 164 -19.84 -11.66 -0.39
CA MET A 164 -19.10 -11.73 -1.65
C MET A 164 -19.98 -11.40 -2.84
N ARG A 165 -21.20 -11.96 -2.86
CA ARG A 165 -22.11 -11.71 -3.96
C ARG A 165 -22.49 -10.24 -4.04
N LEU A 166 -22.81 -9.64 -2.89
CA LEU A 166 -23.16 -8.22 -2.86
C LEU A 166 -22.01 -7.37 -3.38
N ARG A 167 -20.78 -7.67 -2.95
CA ARG A 167 -19.65 -6.85 -3.37
C ARG A 167 -19.36 -7.00 -4.85
N VAL A 168 -19.51 -8.22 -5.39
CA VAL A 168 -19.25 -8.42 -6.81
C VAL A 168 -20.29 -7.68 -7.64
N ALA A 169 -21.56 -7.77 -7.27
CA ALA A 169 -22.58 -7.01 -7.99
C ALA A 169 -22.32 -5.51 -7.89
N MET A 170 -21.90 -5.04 -6.72
CA MET A 170 -21.60 -3.63 -6.53
C MET A 170 -20.48 -3.17 -7.46
N CYS A 171 -19.39 -3.94 -7.51
CA CYS A 171 -18.28 -3.59 -8.39
C CYS A 171 -18.73 -3.56 -9.86
N HIS A 172 -19.56 -4.53 -10.25
CA HIS A 172 -20.01 -4.54 -11.64
C HIS A 172 -20.83 -3.30 -11.97
N MET A 173 -21.74 -2.91 -11.07
CA MET A 173 -22.52 -1.71 -11.37
C MET A 173 -21.66 -0.45 -11.33
N ILE A 174 -20.68 -0.38 -10.42
CA ILE A 174 -19.82 0.80 -10.37
C ILE A 174 -19.04 0.94 -11.68
N TYR A 175 -18.50 -0.16 -12.19
CA TYR A 175 -17.79 -0.07 -13.47
C TYR A 175 -18.75 0.28 -14.60
N ARG A 176 -19.96 -0.28 -14.59
CA ARG A 176 -20.91 0.02 -15.64
C ARG A 176 -21.23 1.51 -15.67
N LYS A 177 -21.49 2.10 -14.50
CA LYS A 177 -21.77 3.53 -14.43
C LYS A 177 -20.56 4.34 -14.86
N ALA A 178 -19.37 4.02 -14.32
CA ALA A 178 -18.17 4.78 -14.65
C ALA A 178 -17.77 4.63 -16.11
N LEU A 179 -18.34 3.67 -16.83
CA LEU A 179 -18.07 3.56 -18.26
C LEU A 179 -18.89 4.53 -19.10
N ARG A 180 -19.92 5.15 -18.53
CA ARG A 180 -20.81 6.05 -19.26
C ARG A 180 -21.01 7.35 -18.50
N LEU A 181 -19.94 7.86 -17.90
CA LEU A 181 -20.01 9.12 -17.19
C LEU A 181 -19.88 10.29 -18.16
N SER A 182 -20.69 11.32 -17.93
CA SER A 182 -20.64 12.53 -18.74
C SER A 182 -19.44 13.37 -18.36
N ASN A 183 -18.86 14.04 -19.37
CA ASN A 183 -17.68 14.86 -19.13
C ASN A 183 -17.96 15.98 -18.14
N MET A 184 -19.20 16.46 -18.06
CA MET A 184 -19.56 17.45 -17.07
C MET A 184 -19.35 16.90 -15.67
N ALA A 185 -19.80 15.69 -15.41
CA ALA A 185 -19.58 15.05 -14.11
C ALA A 185 -18.21 14.41 -13.98
N MET A 186 -17.67 13.88 -15.08
CA MET A 186 -16.37 13.21 -15.03
C MET A 186 -15.26 14.18 -14.63
N GLY A 187 -15.41 15.46 -14.96
CA GLY A 187 -14.41 16.44 -14.61
C GLY A 187 -14.50 16.92 -13.17
N LYS A 188 -15.72 16.99 -12.64
CA LYS A 188 -15.90 17.37 -11.25
C LYS A 188 -15.43 16.29 -10.29
N THR A 189 -15.40 15.03 -10.75
CA THR A 189 -14.84 13.93 -9.98
C THR A 189 -13.43 13.62 -10.48
N THR A 190 -12.81 12.62 -9.87
CA THR A 190 -11.47 12.22 -10.26
C THR A 190 -11.46 10.73 -10.62
N THR A 191 -10.30 10.24 -11.05
CA THR A 191 -10.11 8.81 -11.28
C THR A 191 -9.52 8.12 -10.06
N GLY A 192 -9.22 8.85 -9.00
CA GLY A 192 -8.83 8.25 -7.75
C GLY A 192 -10.03 8.06 -6.86
N GLN A 193 -11.09 8.83 -7.10
CA GLN A 193 -12.34 8.70 -6.39
C GLN A 193 -13.26 7.66 -7.03
N ILE A 194 -12.86 7.09 -8.16
CA ILE A 194 -13.60 6.00 -8.78
C ILE A 194 -12.93 4.66 -8.55
N VAL A 195 -11.70 4.65 -8.04
CA VAL A 195 -11.07 3.44 -7.56
C VAL A 195 -11.12 3.30 -6.05
N ASN A 196 -11.31 4.40 -5.31
CA ASN A 196 -11.39 4.37 -3.86
C ASN A 196 -12.80 4.07 -3.36
N LEU A 197 -13.70 3.65 -4.25
CA LEU A 197 -14.96 3.04 -3.85
C LEU A 197 -15.13 1.68 -4.52
N LEU A 198 -14.04 1.15 -5.06
CA LEU A 198 -14.00 -0.19 -5.59
C LEU A 198 -12.80 -0.95 -5.04
N SER A 199 -11.95 -0.29 -4.26
CA SER A 199 -10.80 -0.91 -3.60
C SER A 199 -10.88 -0.83 -2.09
N ASN A 200 -11.59 0.15 -1.53
CA ASN A 200 -11.69 0.31 -0.09
C ASN A 200 -13.11 0.55 0.41
N ASP A 201 -14.05 0.91 -0.45
CA ASP A 201 -15.41 1.18 -0.03
C ASP A 201 -16.42 0.16 -0.54
N VAL A 202 -15.97 -0.87 -1.25
CA VAL A 202 -16.84 -1.99 -1.60
C VAL A 202 -16.44 -3.25 -0.86
N ASN A 203 -15.39 -3.19 -0.05
CA ASN A 203 -14.97 -4.33 0.76
C ASN A 203 -15.80 -4.49 2.02
N LYS A 204 -16.45 -3.42 2.48
CA LYS A 204 -17.27 -3.51 3.69
C LYS A 204 -18.36 -4.55 3.53
N PHE A 205 -18.87 -4.72 2.32
CA PHE A 205 -19.91 -5.71 2.08
C PHE A 205 -19.43 -7.13 2.34
N ASP A 206 -18.13 -7.38 2.24
CA ASP A 206 -17.60 -8.70 2.57
C ASP A 206 -17.65 -8.99 4.06
N GLN A 207 -17.94 -8.00 4.90
CA GLN A 207 -17.89 -8.19 6.34
C GLN A 207 -19.21 -7.92 7.04
N VAL A 208 -19.98 -6.93 6.58
CA VAL A 208 -21.18 -6.53 7.31
C VAL A 208 -22.12 -7.70 7.47
N THR A 209 -22.32 -8.50 6.42
CA THR A 209 -23.21 -9.65 6.51
C THR A 209 -22.79 -10.58 7.64
N VAL A 210 -21.48 -10.83 7.77
CA VAL A 210 -20.97 -11.71 8.81
C VAL A 210 -21.57 -11.38 10.17
N PHE A 211 -21.79 -10.09 10.43
CA PHE A 211 -22.31 -9.67 11.71
C PHE A 211 -23.71 -9.06 11.63
N LEU A 212 -24.29 -8.95 10.44
CA LEU A 212 -25.58 -8.27 10.32
C LEU A 212 -26.63 -8.93 11.20
N HIS A 213 -26.68 -10.26 11.18
CA HIS A 213 -27.70 -10.98 11.92
C HIS A 213 -27.59 -10.80 13.41
N PHE A 214 -26.48 -10.25 13.91
CA PHE A 214 -26.34 -10.01 15.33
C PHE A 214 -26.98 -8.70 15.78
N LEU A 215 -27.55 -7.91 14.87
CA LEU A 215 -28.32 -6.76 15.31
C LEU A 215 -29.69 -7.15 15.83
N TRP A 216 -30.12 -8.40 15.63
CA TRP A 216 -31.37 -8.89 16.19
C TRP A 216 -31.21 -10.16 17.01
N ALA A 217 -30.13 -10.91 16.82
CA ALA A 217 -29.86 -12.08 17.66
C ALA A 217 -29.11 -11.71 18.92
N GLY A 218 -28.35 -10.62 18.92
CA GLY A 218 -27.67 -10.14 20.10
C GLY A 218 -28.63 -9.85 21.24
N PRO A 219 -29.51 -8.87 21.06
CA PRO A 219 -30.48 -8.56 22.11
C PRO A 219 -31.41 -9.71 22.45
N LEU A 220 -31.84 -10.49 21.46
CA LEU A 220 -32.73 -11.61 21.73
C LEU A 220 -32.04 -12.64 22.62
N GLN A 221 -30.78 -12.97 22.31
CA GLN A 221 -30.03 -13.89 23.16
C GLN A 221 -29.77 -13.29 24.52
N ALA A 222 -29.52 -11.98 24.58
CA ALA A 222 -29.30 -11.33 25.88
C ALA A 222 -30.54 -11.30 26.75
N ILE A 223 -31.73 -11.40 26.14
CA ILE A 223 -32.96 -11.53 26.92
C ILE A 223 -33.23 -12.99 27.29
N ALA A 224 -32.97 -13.93 26.38
CA ALA A 224 -33.17 -15.34 26.69
C ALA A 224 -32.26 -15.78 27.83
N VAL A 225 -30.98 -15.41 27.75
CA VAL A 225 -30.03 -15.78 28.80
C VAL A 225 -30.41 -15.12 30.12
N THR A 226 -30.88 -13.88 30.05
CA THR A 226 -31.31 -13.20 31.28
C THR A 226 -32.51 -13.92 31.91
N ALA A 227 -33.44 -14.37 31.08
CA ALA A 227 -34.59 -15.12 31.61
C ALA A 227 -34.15 -16.43 32.25
N LEU A 228 -33.23 -17.15 31.61
CA LEU A 228 -32.73 -18.38 32.21
C LEU A 228 -32.03 -18.11 33.54
N LEU A 229 -31.21 -17.06 33.57
CA LEU A 229 -30.53 -16.67 34.80
C LEU A 229 -31.53 -16.37 35.91
N TRP A 230 -32.58 -15.61 35.60
CA TRP A 230 -33.61 -15.35 36.60
C TRP A 230 -34.26 -16.65 37.06
N MET A 231 -34.53 -17.56 36.14
CA MET A 231 -35.17 -18.81 36.52
C MET A 231 -34.28 -19.63 37.45
N GLU A 232 -32.96 -19.59 37.26
CA GLU A 232 -32.07 -20.40 38.07
C GLU A 232 -31.61 -19.67 39.33
N ILE A 233 -30.91 -18.54 39.17
CA ILE A 233 -30.27 -17.88 40.31
C ILE A 233 -31.05 -16.68 40.82
N GLY A 234 -32.07 -16.22 40.10
CA GLY A 234 -32.91 -15.16 40.62
C GLY A 234 -32.37 -13.76 40.39
N ILE A 235 -32.89 -12.83 41.19
CA ILE A 235 -32.66 -11.41 40.95
C ILE A 235 -31.19 -11.05 40.99
N SER A 236 -30.38 -11.83 41.73
CA SER A 236 -28.96 -11.53 41.82
C SER A 236 -28.30 -11.50 40.45
N CYS A 237 -28.86 -12.22 39.49
CA CYS A 237 -28.31 -12.23 38.14
C CYS A 237 -28.16 -10.81 37.60
N LEU A 238 -29.18 -9.97 37.82
CA LEU A 238 -29.12 -8.59 37.35
C LEU A 238 -27.83 -7.92 37.79
N ALA A 239 -27.45 -8.11 39.06
CA ALA A 239 -26.18 -7.58 39.55
C ALA A 239 -25.07 -7.89 38.58
N GLY A 240 -24.79 -9.17 38.37
CA GLY A 240 -23.76 -9.54 37.41
C GLY A 240 -24.10 -9.02 36.02
N MET A 241 -25.36 -9.17 35.62
CA MET A 241 -25.77 -8.68 34.31
C MET A 241 -25.47 -7.20 34.17
N ALA A 242 -25.67 -6.44 35.24
CA ALA A 242 -25.38 -5.01 35.19
C ALA A 242 -23.95 -4.78 34.74
N VAL A 243 -23.01 -5.50 35.34
CA VAL A 243 -21.60 -5.33 34.99
C VAL A 243 -21.40 -5.56 33.50
N LEU A 244 -22.07 -6.59 32.95
CA LEU A 244 -21.91 -6.87 31.54
C LEU A 244 -22.37 -5.70 30.69
N ILE A 245 -23.49 -5.07 31.06
CA ILE A 245 -23.96 -3.92 30.30
C ILE A 245 -22.96 -2.77 30.42
N ILE A 246 -22.30 -2.64 31.59
CA ILE A 246 -21.29 -1.62 31.76
C ILE A 246 -20.15 -1.82 30.77
N LEU A 247 -19.94 -3.04 30.29
CA LEU A 247 -18.88 -3.28 29.31
C LEU A 247 -19.22 -2.74 27.93
N LEU A 248 -20.45 -2.28 27.69
CA LEU A 248 -20.78 -1.75 26.38
C LEU A 248 -20.26 -0.33 26.17
N PRO A 249 -20.51 0.61 27.10
CA PRO A 249 -19.94 1.96 26.92
C PRO A 249 -18.46 2.02 27.27
N LEU A 250 -18.04 1.22 28.25
CA LEU A 250 -16.63 1.20 28.63
C LEU A 250 -15.76 0.71 27.49
N GLN A 251 -16.30 -0.18 26.65
CA GLN A 251 -15.57 -0.61 25.46
C GLN A 251 -15.56 0.48 24.40
N SER A 252 -16.57 1.37 24.42
CA SER A 252 -16.62 2.50 23.51
C SER A 252 -16.16 3.78 24.18
N CYS A 253 -15.34 3.64 25.23
CA CYS A 253 -14.57 4.74 25.79
C CYS A 253 -13.09 4.41 25.87
N PHE A 254 -12.71 3.16 25.62
CA PHE A 254 -11.36 2.80 25.24
C PHE A 254 -11.14 2.93 23.74
N GLY A 255 -12.13 3.46 23.02
CA GLY A 255 -12.02 3.65 21.59
C GLY A 255 -12.04 5.12 21.18
N LYS A 256 -12.76 5.95 21.94
CA LYS A 256 -12.72 7.39 21.76
C LYS A 256 -11.66 8.04 22.64
N LEU A 257 -10.77 7.24 23.22
CA LEU A 257 -9.53 7.69 23.83
C LEU A 257 -8.33 6.99 23.21
N PHE A 258 -8.53 5.82 22.59
CA PHE A 258 -7.50 5.20 21.77
C PHE A 258 -7.36 5.87 20.42
N SER A 259 -8.47 6.37 19.86
CA SER A 259 -8.40 7.03 18.57
C SER A 259 -7.90 8.47 18.67
N SER A 260 -7.77 8.99 19.89
CA SER A 260 -7.14 10.29 20.07
C SER A 260 -5.65 10.16 20.35
N LEU A 261 -5.21 8.98 20.79
CA LEU A 261 -3.78 8.69 20.93
C LEU A 261 -3.22 7.92 19.74
N ARG A 262 -4.07 7.50 18.80
CA ARG A 262 -3.63 6.81 17.60
C ARG A 262 -3.63 7.71 16.37
N SER A 263 -4.47 8.74 16.35
CA SER A 263 -4.42 9.76 15.31
C SER A 263 -3.64 10.99 15.76
N LYS A 264 -3.01 10.93 16.93
CA LYS A 264 -2.02 11.89 17.35
C LYS A 264 -0.60 11.35 17.20
N THR A 265 -0.46 10.11 16.72
CA THR A 265 0.84 9.56 16.41
C THR A 265 1.17 9.72 14.94
N ALA A 266 0.15 9.76 14.08
CA ALA A 266 0.38 9.99 12.66
C ALA A 266 1.09 11.31 12.43
N THR A 267 0.76 12.35 13.21
CA THR A 267 1.46 13.62 13.10
C THR A 267 2.89 13.55 13.59
N PHE A 268 3.36 12.38 14.00
CA PHE A 268 4.75 12.12 14.33
C PHE A 268 5.34 10.99 13.50
N THR A 269 4.56 9.94 13.25
CA THR A 269 5.02 8.86 12.39
C THR A 269 5.25 9.35 10.97
N ASP A 270 4.35 10.17 10.45
CA ASP A 270 4.51 10.67 9.09
C ASP A 270 5.67 11.65 9.00
N ALA A 271 5.87 12.47 10.02
CA ALA A 271 7.04 13.34 10.07
C ALA A 271 8.32 12.52 10.05
N ARG A 272 8.34 11.44 10.84
CA ARG A 272 9.52 10.54 10.94
C ARG A 272 9.79 9.89 9.58
N ILE A 273 8.73 9.43 8.90
CA ILE A 273 8.89 8.77 7.61
C ILE A 273 9.33 9.76 6.54
N ARG A 274 8.84 11.00 6.61
CA ARG A 274 9.23 12.01 5.63
C ARG A 274 10.70 12.41 5.80
N THR A 275 11.13 12.61 7.06
CA THR A 275 12.53 12.90 7.30
C THR A 275 13.40 11.73 6.85
N MET A 276 12.94 10.50 7.05
CA MET A 276 13.68 9.34 6.60
C MET A 276 13.74 9.28 5.08
N ASN A 277 12.66 9.70 4.41
CA ASN A 277 12.67 9.78 2.95
C ASN A 277 13.74 10.75 2.47
N GLU A 278 13.81 11.93 3.11
CA GLU A 278 14.82 12.90 2.70
C GLU A 278 16.23 12.41 3.02
N VAL A 279 16.39 11.67 4.12
CA VAL A 279 17.71 11.16 4.48
C VAL A 279 18.16 10.09 3.49
N ILE A 280 17.28 9.13 3.19
CA ILE A 280 17.66 8.00 2.35
C ILE A 280 17.83 8.44 0.90
N THR A 281 16.95 9.32 0.42
CA THR A 281 17.02 9.76 -0.96
C THR A 281 18.36 10.44 -1.26
N GLY A 282 18.62 11.56 -0.58
CA GLY A 282 19.89 12.21 -0.73
C GLY A 282 20.89 11.80 0.33
N ILE A 283 21.37 10.56 0.26
CA ILE A 283 22.36 10.11 1.24
C ILE A 283 23.78 10.43 0.78
N ARG A 284 24.00 10.51 -0.54
CA ARG A 284 25.31 10.94 -1.03
C ARG A 284 25.62 12.35 -0.55
N ILE A 285 24.64 13.25 -0.62
CA ILE A 285 24.86 14.63 -0.22
C ILE A 285 25.12 14.72 1.28
N ILE A 286 24.35 13.98 2.08
CA ILE A 286 24.53 14.02 3.53
C ILE A 286 25.90 13.46 3.91
N LYS A 287 26.30 12.35 3.30
CA LYS A 287 27.60 11.77 3.62
C LYS A 287 28.74 12.68 3.18
N MET A 288 28.64 13.25 1.98
CA MET A 288 29.68 14.15 1.50
C MET A 288 29.81 15.37 2.40
N TYR A 289 28.68 15.97 2.78
CA TYR A 289 28.70 17.09 3.72
C TYR A 289 29.05 16.67 5.13
N ALA A 290 28.97 15.39 5.45
CA ALA A 290 29.22 14.86 6.80
C ALA A 290 28.23 15.49 7.80
N TRP A 291 26.95 15.38 7.48
CA TRP A 291 25.89 15.96 8.27
C TRP A 291 25.06 14.95 9.05
N GLU A 292 25.30 13.66 8.86
CA GLU A 292 24.31 12.66 9.30
C GLU A 292 24.13 12.63 10.81
N LYS A 293 25.01 13.25 11.60
CA LYS A 293 24.70 13.38 13.02
C LYS A 293 23.52 14.29 13.27
N SER A 294 23.36 15.34 12.46
CA SER A 294 22.22 16.23 12.62
C SER A 294 20.91 15.51 12.32
N PHE A 295 20.88 14.73 11.23
CA PHE A 295 19.69 13.97 10.92
C PHE A 295 19.47 12.84 11.93
N SER A 296 20.55 12.29 12.48
CA SER A 296 20.41 11.32 13.56
C SER A 296 19.72 11.95 14.76
N ASN A 297 20.13 13.17 15.12
CA ASN A 297 19.47 13.87 16.23
C ASN A 297 18.00 14.14 15.93
N LEU A 298 17.71 14.60 14.71
CA LEU A 298 16.33 14.91 14.35
C LEU A 298 15.45 13.67 14.41
N ILE A 299 15.92 12.56 13.83
CA ILE A 299 15.13 11.34 13.84
C ILE A 299 15.04 10.75 15.23
N THR A 300 16.08 10.90 16.05
CA THR A 300 15.98 10.44 17.43
C THR A 300 14.90 11.21 18.18
N ASN A 301 14.84 12.53 18.00
CA ASN A 301 13.80 13.30 18.66
C ASN A 301 12.41 12.91 18.16
N LEU A 302 12.25 12.76 16.86
CA LEU A 302 10.94 12.38 16.32
C LEU A 302 10.53 10.98 16.80
N ARG A 303 11.46 10.04 16.80
CA ARG A 303 11.14 8.68 17.22
C ARG A 303 10.84 8.63 18.70
N LYS A 304 11.50 9.45 19.52
CA LYS A 304 11.17 9.49 20.94
C LYS A 304 9.79 10.08 21.17
N LYS A 305 9.46 11.17 20.46
CA LYS A 305 8.12 11.74 20.59
C LYS A 305 7.05 10.90 19.91
N GLU A 306 7.43 9.88 19.16
CA GLU A 306 6.48 8.90 18.64
C GLU A 306 6.32 7.70 19.55
N ILE A 307 7.42 7.24 20.15
CA ILE A 307 7.36 6.17 21.14
C ILE A 307 6.60 6.60 22.38
N SER A 308 6.61 7.89 22.72
CA SER A 308 5.78 8.32 23.84
C SER A 308 4.30 8.00 23.59
N LYS A 309 3.78 8.39 22.43
CA LYS A 309 2.39 8.11 22.14
C LYS A 309 2.14 6.64 21.89
N ILE A 310 3.10 5.93 21.29
CA ILE A 310 2.96 4.48 21.14
C ILE A 310 2.91 3.82 22.50
N LEU A 311 3.59 4.39 23.49
CA LEU A 311 3.62 3.78 24.82
C LEU A 311 2.30 4.00 25.55
N ARG A 312 1.74 5.21 25.46
CA ARG A 312 0.39 5.40 26.00
C ARG A 312 -0.63 4.52 25.29
N SER A 313 -0.55 4.45 23.97
CA SER A 313 -1.51 3.64 23.21
C SER A 313 -1.39 2.17 23.58
N SER A 314 -0.17 1.68 23.77
CA SER A 314 0.03 0.27 24.10
C SER A 314 -0.39 -0.04 25.52
N CYS A 315 -0.11 0.86 26.47
CA CYS A 315 -0.62 0.67 27.83
C CYS A 315 -2.14 0.61 27.83
N LEU A 316 -2.79 1.47 27.05
CA LEU A 316 -4.25 1.45 27.01
C LEU A 316 -4.78 0.18 26.36
N ARG A 317 -4.14 -0.27 25.27
CA ARG A 317 -4.55 -1.52 24.64
C ARG A 317 -4.39 -2.69 25.60
N GLY A 318 -3.30 -2.70 26.36
CA GLY A 318 -3.09 -3.78 27.32
C GLY A 318 -4.13 -3.77 28.42
N MET A 319 -4.49 -2.58 28.91
CA MET A 319 -5.55 -2.50 29.92
C MET A 319 -6.88 -2.98 29.35
N ASN A 320 -7.17 -2.63 28.10
CA ASN A 320 -8.41 -3.10 27.47
C ASN A 320 -8.42 -4.62 27.35
N LEU A 321 -7.29 -5.21 26.93
CA LEU A 321 -7.27 -6.66 26.76
C LEU A 321 -7.30 -7.39 28.10
N ALA A 322 -6.73 -6.80 29.14
CA ALA A 322 -6.85 -7.40 30.46
C ALA A 322 -8.27 -7.27 31.00
N SER A 323 -8.96 -6.19 30.65
CA SER A 323 -10.38 -6.10 30.99
C SER A 323 -11.18 -7.18 30.28
N PHE A 324 -10.85 -7.45 29.01
CA PHE A 324 -11.50 -8.54 28.30
C PHE A 324 -11.21 -9.88 28.97
N PHE A 325 -9.99 -10.05 29.47
CA PHE A 325 -9.62 -11.30 30.14
C PHE A 325 -10.38 -11.49 31.44
N SER A 326 -10.44 -10.46 32.29
CA SER A 326 -10.99 -10.59 33.63
C SER A 326 -12.45 -10.16 33.75
N ALA A 327 -13.10 -9.80 32.64
CA ALA A 327 -14.50 -9.40 32.73
C ALA A 327 -15.37 -10.53 33.22
N SER A 328 -15.17 -11.74 32.69
CA SER A 328 -15.99 -12.87 33.12
C SER A 328 -15.78 -13.17 34.59
N LYS A 329 -14.54 -13.08 35.06
CA LYS A 329 -14.28 -13.29 36.49
C LYS A 329 -15.02 -12.25 37.33
N ILE A 330 -15.00 -10.99 36.90
CA ILE A 330 -15.68 -9.96 37.68
C ILE A 330 -17.17 -10.20 37.72
N ILE A 331 -17.77 -10.55 36.58
CA ILE A 331 -19.22 -10.80 36.53
C ILE A 331 -19.58 -11.96 37.46
N VAL A 332 -18.87 -13.08 37.35
CA VAL A 332 -19.19 -14.23 38.20
C VAL A 332 -19.00 -13.88 39.66
N PHE A 333 -17.94 -13.13 39.97
CA PHE A 333 -17.66 -12.79 41.37
C PHE A 333 -18.76 -11.94 41.97
N VAL A 334 -19.18 -10.88 41.28
CA VAL A 334 -20.22 -10.01 41.83
C VAL A 334 -21.56 -10.76 41.86
N THR A 335 -21.83 -11.57 40.84
CA THR A 335 -23.06 -12.33 40.80
C THR A 335 -23.20 -13.22 42.03
N PHE A 336 -22.18 -14.01 42.32
CA PHE A 336 -22.32 -14.96 43.41
C PHE A 336 -22.10 -14.31 44.77
N THR A 337 -21.37 -13.20 44.84
CA THR A 337 -21.31 -12.45 46.09
C THR A 337 -22.70 -11.95 46.48
N THR A 338 -23.42 -11.36 45.52
CA THR A 338 -24.79 -10.95 45.82
C THR A 338 -25.69 -12.15 46.08
N TYR A 339 -25.51 -13.21 45.29
CA TYR A 339 -26.34 -14.40 45.42
C TYR A 339 -26.24 -14.98 46.83
N VAL A 340 -25.05 -14.99 47.40
CA VAL A 340 -24.88 -15.49 48.76
C VAL A 340 -25.28 -14.44 49.81
N LEU A 341 -25.07 -13.15 49.53
CA LEU A 341 -25.36 -12.14 50.54
C LEU A 341 -26.85 -11.96 50.76
N LEU A 342 -27.66 -12.08 49.70
CA LEU A 342 -29.11 -12.02 49.91
C LEU A 342 -29.66 -13.19 50.72
N GLY A 343 -28.82 -14.12 51.14
CA GLY A 343 -29.24 -15.16 52.07
C GLY A 343 -29.37 -16.54 51.48
N SER A 344 -29.19 -16.74 50.18
CA SER A 344 -29.28 -18.07 49.59
C SER A 344 -27.95 -18.79 49.78
N VAL A 345 -27.79 -19.94 49.13
CA VAL A 345 -26.64 -20.80 49.34
C VAL A 345 -26.14 -21.27 47.98
N ILE A 346 -24.88 -21.72 47.94
CA ILE A 346 -24.23 -22.15 46.71
C ILE A 346 -24.31 -23.67 46.60
N THR A 347 -24.83 -24.13 45.47
CA THR A 347 -24.75 -25.53 45.06
C THR A 347 -24.01 -25.58 43.73
N ALA A 348 -23.52 -26.77 43.38
CA ALA A 348 -22.60 -26.88 42.27
C ALA A 348 -23.26 -26.89 40.90
N SER A 349 -24.60 -26.82 40.84
CA SER A 349 -25.28 -26.80 39.55
C SER A 349 -25.63 -25.38 39.12
N ARG A 350 -26.32 -24.64 40.00
CA ARG A 350 -26.71 -23.27 39.68
C ARG A 350 -25.50 -22.39 39.46
N VAL A 351 -24.37 -22.74 40.05
CA VAL A 351 -23.14 -21.97 39.84
C VAL A 351 -22.63 -22.17 38.42
N PHE A 352 -22.45 -23.42 38.01
CA PHE A 352 -21.77 -23.72 36.76
C PHE A 352 -22.72 -23.75 35.56
N VAL A 353 -24.01 -23.51 35.77
CA VAL A 353 -24.86 -23.14 34.65
C VAL A 353 -24.82 -21.64 34.43
N ALA A 354 -24.98 -20.86 35.50
CA ALA A 354 -24.85 -19.42 35.41
C ALA A 354 -23.51 -19.02 34.82
N VAL A 355 -22.45 -19.77 35.11
CA VAL A 355 -21.14 -19.44 34.54
C VAL A 355 -21.18 -19.55 33.01
N THR A 356 -21.77 -20.62 32.49
CA THR A 356 -21.82 -20.80 31.04
C THR A 356 -22.75 -19.78 30.39
N LEU A 357 -23.88 -19.48 31.03
CA LEU A 357 -24.76 -18.43 30.55
C LEU A 357 -24.02 -17.09 30.45
N TYR A 358 -23.31 -16.70 31.51
CA TYR A 358 -22.53 -15.47 31.46
C TYR A 358 -21.47 -15.53 30.37
N GLY A 359 -20.83 -16.68 30.18
CA GLY A 359 -19.83 -16.78 29.14
C GLY A 359 -20.41 -16.52 27.76
N ALA A 360 -21.52 -17.18 27.45
CA ALA A 360 -22.14 -17.02 26.13
C ALA A 360 -22.65 -15.60 25.93
N VAL A 361 -23.40 -15.09 26.89
CA VAL A 361 -23.99 -13.77 26.73
C VAL A 361 -22.91 -12.68 26.75
N ARG A 362 -21.78 -12.92 27.42
CA ARG A 362 -20.67 -11.98 27.34
C ARG A 362 -20.03 -12.00 25.97
N LEU A 363 -19.75 -13.20 25.44
CA LEU A 363 -19.17 -13.27 24.10
C LEU A 363 -20.07 -12.62 23.07
N THR A 364 -21.38 -12.63 23.31
CA THR A 364 -22.28 -11.94 22.40
C THR A 364 -22.27 -10.42 22.63
N VAL A 365 -22.47 -9.99 23.87
CA VAL A 365 -22.72 -8.58 24.15
C VAL A 365 -21.46 -7.74 23.95
N THR A 366 -20.32 -8.21 24.44
CA THR A 366 -19.14 -7.35 24.46
C THR A 366 -18.26 -7.48 23.22
N LEU A 367 -18.47 -8.50 22.40
CA LEU A 367 -17.54 -8.75 21.30
C LEU A 367 -18.23 -8.67 19.94
N PHE A 368 -19.38 -9.33 19.79
CA PHE A 368 -20.01 -9.44 18.48
C PHE A 368 -20.91 -8.26 18.17
N PHE A 369 -21.72 -7.83 19.14
CA PHE A 369 -22.72 -6.80 18.86
C PHE A 369 -22.07 -5.44 18.56
N PRO A 370 -21.09 -4.95 19.33
CA PRO A 370 -20.41 -3.71 18.91
C PRO A 370 -19.75 -3.81 17.55
N SER A 371 -19.16 -4.97 17.23
CA SER A 371 -18.55 -5.12 15.92
C SER A 371 -19.60 -5.08 14.82
N ALA A 372 -20.78 -5.64 15.08
CA ALA A 372 -21.86 -5.57 14.11
C ALA A 372 -22.32 -4.13 13.92
N ILE A 373 -22.38 -3.36 15.01
CA ILE A 373 -22.75 -1.96 14.90
C ILE A 373 -21.74 -1.21 14.03
N GLU A 374 -20.45 -1.39 14.34
CA GLU A 374 -19.41 -0.71 13.57
C GLU A 374 -19.46 -1.09 12.10
N ARG A 375 -19.58 -2.38 11.79
CA ARG A 375 -19.57 -2.82 10.40
C ARG A 375 -20.82 -2.42 9.64
N VAL A 376 -21.99 -2.40 10.29
CA VAL A 376 -23.19 -1.90 9.62
C VAL A 376 -23.07 -0.40 9.35
N SER A 377 -22.49 0.35 10.29
CA SER A 377 -22.29 1.77 10.03
C SER A 377 -21.34 1.99 8.85
N GLU A 378 -20.25 1.23 8.80
CA GLU A 378 -19.33 1.37 7.69
C GLU A 378 -19.98 0.98 6.37
N ALA A 379 -20.78 -0.08 6.37
CA ALA A 379 -21.45 -0.49 5.13
C ALA A 379 -22.50 0.53 4.70
N ILE A 380 -23.15 1.20 5.66
CA ILE A 380 -24.11 2.23 5.29
C ILE A 380 -23.40 3.44 4.69
N VAL A 381 -22.26 3.83 5.26
CA VAL A 381 -21.49 4.93 4.66
C VAL A 381 -21.05 4.56 3.25
N SER A 382 -20.58 3.32 3.06
CA SER A 382 -20.16 2.90 1.73
C SER A 382 -21.33 2.88 0.76
N ILE A 383 -22.52 2.48 1.24
CA ILE A 383 -23.70 2.47 0.40
C ILE A 383 -24.07 3.90 0.01
N ARG A 384 -23.91 4.85 0.93
CA ARG A 384 -24.16 6.25 0.58
C ARG A 384 -23.20 6.72 -0.50
N ARG A 385 -21.92 6.35 -0.40
CA ARG A 385 -20.96 6.75 -1.43
C ARG A 385 -21.31 6.16 -2.79
N ILE A 386 -21.63 4.86 -2.83
CA ILE A 386 -22.01 4.26 -4.11
C ILE A 386 -23.37 4.78 -4.57
N GLN A 387 -24.18 5.33 -3.67
CA GLN A 387 -25.37 6.07 -4.08
C GLN A 387 -25.00 7.34 -4.82
N THR A 388 -24.12 8.15 -4.24
CA THR A 388 -23.69 9.37 -4.90
C THR A 388 -23.04 9.08 -6.25
N PHE A 389 -22.29 7.99 -6.34
CA PHE A 389 -21.60 7.70 -7.60
C PHE A 389 -22.55 7.22 -8.70
N LEU A 390 -23.75 6.76 -8.35
CA LEU A 390 -24.67 6.23 -9.35
C LEU A 390 -25.77 7.22 -9.74
N LEU A 391 -25.68 8.46 -9.26
CA LEU A 391 -26.61 9.51 -9.66
C LEU A 391 -25.93 10.60 -10.48
N LEU A 392 -24.64 10.46 -10.77
CA LEU A 392 -23.96 11.41 -11.65
C LEU A 392 -24.66 11.47 -12.99
N ASP A 393 -24.61 12.65 -13.62
CA ASP A 393 -25.26 12.85 -14.90
C ASP A 393 -24.68 11.90 -15.95
N GLU A 394 -25.56 11.17 -16.64
CA GLU A 394 -25.14 10.21 -17.63
C GLU A 394 -24.91 10.92 -18.97
N ILE A 395 -24.65 10.14 -20.01
CA ILE A 395 -24.56 10.65 -21.37
C ILE A 395 -25.81 10.24 -22.11
N SER A 396 -26.38 11.17 -22.87
CA SER A 396 -27.49 10.84 -23.75
C SER A 396 -27.07 9.71 -24.69
N GLN A 397 -27.76 8.59 -24.60
CA GLN A 397 -27.54 7.49 -25.51
C GLN A 397 -27.72 7.98 -26.94
N ARG A 398 -26.80 7.59 -27.83
CA ARG A 398 -26.84 8.11 -29.18
C ARG A 398 -28.20 7.81 -29.80
N ASN A 399 -29.00 8.85 -29.99
CA ASN A 399 -30.44 8.70 -30.16
C ASN A 399 -30.81 8.31 -31.58
N ARG A 400 -32.10 8.39 -31.89
CA ARG A 400 -32.62 8.03 -33.20
C ARG A 400 -31.93 8.83 -34.29
N GLN A 401 -31.13 8.15 -35.10
CA GLN A 401 -30.48 8.80 -36.23
C GLN A 401 -31.54 9.29 -37.21
N LEU A 402 -31.35 10.51 -37.72
CA LEU A 402 -32.24 11.01 -38.73
C LEU A 402 -32.14 10.16 -39.99
N PRO A 403 -33.27 9.88 -40.64
CA PRO A 403 -33.26 8.95 -41.78
C PRO A 403 -32.40 9.45 -42.93
N SER A 404 -31.29 8.76 -43.18
CA SER A 404 -30.37 9.11 -44.25
C SER A 404 -30.59 8.18 -45.45
N ASP A 405 -29.82 8.40 -46.51
CA ASP A 405 -29.93 7.61 -47.73
C ASP A 405 -28.77 6.64 -47.90
N GLY A 406 -28.02 6.34 -46.84
CA GLY A 406 -26.89 5.45 -46.91
C GLY A 406 -25.56 6.14 -47.15
N LYS A 407 -25.53 7.47 -47.19
CA LYS A 407 -24.30 8.22 -47.45
C LYS A 407 -23.57 8.46 -46.13
N LYS A 408 -22.53 7.68 -45.88
CA LYS A 408 -21.69 7.90 -44.70
C LYS A 408 -20.91 9.20 -44.89
N MET A 409 -21.27 10.21 -44.10
CA MET A 409 -20.75 11.55 -44.32
C MET A 409 -20.92 12.36 -43.05
N VAL A 410 -19.99 13.28 -42.82
CA VAL A 410 -19.96 14.12 -41.62
C VAL A 410 -20.23 15.55 -42.04
N HIS A 411 -21.31 16.14 -41.53
CA HIS A 411 -21.69 17.51 -41.84
C HIS A 411 -21.98 18.24 -40.53
N VAL A 412 -21.36 19.41 -40.37
CA VAL A 412 -21.54 20.25 -39.19
C VAL A 412 -21.96 21.63 -39.66
N GLN A 413 -22.96 22.21 -38.99
CA GLN A 413 -23.47 23.53 -39.33
C GLN A 413 -23.64 24.35 -38.06
N ASP A 414 -23.06 25.56 -38.07
CA ASP A 414 -23.28 26.57 -37.03
C ASP A 414 -23.11 26.01 -35.62
N PHE A 415 -21.99 25.34 -35.36
CA PHE A 415 -21.82 24.65 -34.09
C PHE A 415 -21.28 25.59 -33.02
N THR A 416 -21.94 25.61 -31.87
CA THR A 416 -21.49 26.35 -30.70
C THR A 416 -21.59 25.43 -29.49
N ALA A 417 -20.60 25.48 -28.61
CA ALA A 417 -20.58 24.60 -27.45
C ALA A 417 -19.74 25.19 -26.33
N PHE A 418 -19.97 24.68 -25.13
CA PHE A 418 -19.23 25.06 -23.93
C PHE A 418 -18.77 23.80 -23.20
N TRP A 419 -17.53 23.81 -22.72
CA TRP A 419 -17.11 22.78 -21.78
C TRP A 419 -17.63 23.06 -20.39
N ASP A 420 -17.98 24.31 -20.10
CA ASP A 420 -18.51 24.71 -18.81
C ASP A 420 -19.64 25.71 -19.04
N LYS A 421 -20.72 25.58 -18.27
CA LYS A 421 -21.83 26.53 -18.38
C LYS A 421 -21.49 27.87 -17.74
N ALA A 422 -20.28 28.03 -17.21
CA ALA A 422 -19.84 29.29 -16.63
C ALA A 422 -18.92 30.07 -17.54
N SER A 423 -18.33 29.44 -18.56
CA SER A 423 -17.42 30.12 -19.47
C SER A 423 -18.18 31.18 -20.27
N GLU A 424 -17.58 32.36 -20.39
CA GLU A 424 -18.21 33.43 -21.16
C GLU A 424 -18.10 33.19 -22.66
N THR A 425 -16.89 33.00 -23.17
CA THR A 425 -16.67 32.75 -24.59
C THR A 425 -16.92 31.29 -24.91
N PRO A 426 -17.80 30.98 -25.86
CA PRO A 426 -18.03 29.57 -26.21
C PRO A 426 -16.79 28.94 -26.83
N THR A 427 -16.64 27.64 -26.61
CA THR A 427 -15.48 26.92 -27.14
C THR A 427 -15.45 26.97 -28.66
N LEU A 428 -16.61 26.90 -29.30
CA LEU A 428 -16.72 26.99 -30.75
C LEU A 428 -17.82 27.98 -31.09
N GLN A 429 -17.63 28.72 -32.19
CA GLN A 429 -18.57 29.75 -32.61
C GLN A 429 -19.00 29.48 -34.05
N GLY A 430 -20.15 28.84 -34.21
CA GLY A 430 -20.77 28.75 -35.53
C GLY A 430 -19.95 28.08 -36.59
N LEU A 431 -19.38 26.90 -36.29
CA LEU A 431 -18.65 26.14 -37.29
C LEU A 431 -19.63 25.46 -38.23
N SER A 432 -19.48 25.70 -39.54
CA SER A 432 -20.40 25.18 -40.55
C SER A 432 -19.57 24.60 -41.70
N PHE A 433 -19.18 23.33 -41.59
CA PHE A 433 -18.41 22.69 -42.63
C PHE A 433 -18.63 21.18 -42.55
N THR A 434 -18.21 20.49 -43.60
CA THR A 434 -18.44 19.06 -43.76
C THR A 434 -17.21 18.38 -44.35
N VAL A 435 -17.29 17.05 -44.46
CA VAL A 435 -16.28 16.24 -45.11
C VAL A 435 -16.96 15.05 -45.75
N ARG A 436 -16.41 14.60 -46.88
CA ARG A 436 -16.95 13.50 -47.65
C ARG A 436 -16.01 12.31 -47.59
N PRO A 437 -16.47 11.12 -47.98
CA PRO A 437 -15.57 9.96 -48.01
C PRO A 437 -14.38 10.21 -48.93
N GLY A 438 -13.20 9.75 -48.49
CA GLY A 438 -11.99 9.91 -49.25
C GLY A 438 -11.29 11.24 -49.10
N GLU A 439 -11.88 12.19 -48.38
CA GLU A 439 -11.31 13.51 -48.21
C GLU A 439 -10.60 13.62 -46.86
N LEU A 440 -9.28 13.73 -46.90
CA LEU A 440 -8.46 13.82 -45.69
C LEU A 440 -8.52 15.27 -45.20
N LEU A 441 -9.52 15.57 -44.38
CA LEU A 441 -9.62 16.87 -43.76
C LEU A 441 -8.49 17.05 -42.73
N ALA A 442 -7.95 18.27 -42.67
CA ALA A 442 -6.87 18.58 -41.76
C ALA A 442 -7.19 19.90 -41.06
N VAL A 443 -6.61 20.08 -39.88
CA VAL A 443 -6.84 21.25 -39.06
C VAL A 443 -5.49 21.87 -38.71
N VAL A 444 -5.38 23.18 -38.88
CA VAL A 444 -4.16 23.94 -38.59
C VAL A 444 -4.51 24.99 -37.55
N GLY A 445 -3.78 25.00 -36.44
CA GLY A 445 -4.03 25.94 -35.37
C GLY A 445 -3.05 25.78 -34.22
N PRO A 446 -2.66 26.90 -33.63
CA PRO A 446 -1.78 26.84 -32.45
C PRO A 446 -2.50 26.23 -31.25
N VAL A 447 -1.72 25.86 -30.25
CA VAL A 447 -2.27 25.25 -29.05
C VAL A 447 -3.23 26.21 -28.37
N GLY A 448 -4.41 25.70 -28.01
CA GLY A 448 -5.46 26.53 -27.44
C GLY A 448 -6.53 26.96 -28.40
N ALA A 449 -6.51 26.46 -29.65
CA ALA A 449 -7.51 26.82 -30.64
C ALA A 449 -8.82 26.06 -30.46
N GLY A 450 -8.78 24.84 -29.94
CA GLY A 450 -9.97 24.03 -29.80
C GLY A 450 -10.05 22.84 -30.75
N LYS A 451 -8.93 22.45 -31.37
CA LYS A 451 -8.94 21.33 -32.30
C LYS A 451 -9.32 20.03 -31.58
N SER A 452 -8.76 19.81 -30.39
CA SER A 452 -9.19 18.68 -29.57
C SER A 452 -10.67 18.80 -29.21
N SER A 453 -11.12 20.00 -28.85
CA SER A 453 -12.54 20.22 -28.61
C SER A 453 -13.34 20.01 -29.89
N LEU A 454 -12.75 20.31 -31.05
CA LEU A 454 -13.43 20.07 -32.31
C LEU A 454 -13.67 18.58 -32.52
N LEU A 455 -12.64 17.75 -32.34
CA LEU A 455 -12.83 16.32 -32.49
C LEU A 455 -13.75 15.76 -31.42
N SER A 456 -13.72 16.33 -30.22
CA SER A 456 -14.66 15.92 -29.17
C SER A 456 -16.10 16.21 -29.58
N ALA A 457 -16.33 17.37 -30.20
CA ALA A 457 -17.66 17.69 -30.71
C ALA A 457 -18.05 16.74 -31.83
N VAL A 458 -17.09 16.36 -32.67
CA VAL A 458 -17.38 15.37 -33.70
C VAL A 458 -17.81 14.05 -33.08
N LEU A 459 -17.12 13.60 -32.03
CA LEU A 459 -17.51 12.39 -31.33
C LEU A 459 -18.80 12.54 -30.55
N GLY A 460 -19.31 13.76 -30.40
CA GLY A 460 -20.46 13.99 -29.54
C GLY A 460 -20.12 14.14 -28.08
N GLU A 461 -18.84 14.08 -27.73
CA GLU A 461 -18.42 14.22 -26.34
C GLU A 461 -18.72 15.60 -25.79
N LEU A 462 -18.88 16.59 -26.66
CA LEU A 462 -19.17 17.96 -26.27
C LEU A 462 -20.59 18.29 -26.70
N ALA A 463 -21.41 18.70 -25.73
CA ALA A 463 -22.83 18.88 -26.00
C ALA A 463 -23.05 20.08 -26.93
N PRO A 464 -23.81 19.90 -28.01
CA PRO A 464 -24.11 21.03 -28.90
C PRO A 464 -25.01 22.04 -28.21
N SER A 465 -24.59 23.31 -28.24
CA SER A 465 -25.43 24.39 -27.75
C SER A 465 -26.25 25.02 -28.87
N HIS A 466 -25.70 25.08 -30.07
CA HIS A 466 -26.43 25.54 -31.25
C HIS A 466 -25.88 24.82 -32.47
N GLY A 467 -26.75 24.66 -33.47
CA GLY A 467 -26.36 23.96 -34.68
C GLY A 467 -26.76 22.50 -34.65
N LEU A 468 -26.04 21.71 -35.45
CA LEU A 468 -26.29 20.28 -35.56
C LEU A 468 -25.04 19.58 -36.09
N VAL A 469 -24.79 18.38 -35.59
CA VAL A 469 -23.71 17.52 -36.06
C VAL A 469 -24.35 16.25 -36.60
N SER A 470 -24.00 15.88 -37.82
CA SER A 470 -24.55 14.71 -38.49
C SER A 470 -23.44 13.72 -38.80
N VAL A 471 -23.30 12.70 -37.96
CA VAL A 471 -22.31 11.64 -38.14
C VAL A 471 -23.08 10.34 -38.32
N HIS A 472 -22.89 9.69 -39.45
CA HIS A 472 -23.63 8.48 -39.83
C HIS A 472 -22.64 7.41 -40.24
N GLY A 473 -22.24 6.58 -39.30
CA GLY A 473 -21.33 5.48 -39.59
C GLY A 473 -20.45 5.19 -38.41
N ARG A 474 -19.75 4.06 -38.50
CA ARG A 474 -18.79 3.66 -37.48
C ARG A 474 -17.68 4.71 -37.38
N ILE A 475 -17.31 5.06 -36.15
CA ILE A 475 -16.33 6.10 -35.90
C ILE A 475 -15.07 5.46 -35.32
N ALA A 476 -13.94 5.70 -35.97
CA ALA A 476 -12.63 5.33 -35.46
C ALA A 476 -11.94 6.60 -34.95
N TYR A 477 -11.53 6.57 -33.68
CA TYR A 477 -10.99 7.75 -33.03
C TYR A 477 -9.61 7.44 -32.43
N VAL A 478 -8.72 8.42 -32.48
CA VAL A 478 -7.42 8.34 -31.82
C VAL A 478 -7.30 9.56 -30.92
N SER A 479 -7.08 9.33 -29.63
CA SER A 479 -6.90 10.43 -28.71
C SER A 479 -5.53 11.07 -28.91
N GLN A 480 -5.41 12.31 -28.42
CA GLN A 480 -4.13 13.00 -28.51
C GLN A 480 -3.05 12.26 -27.72
N GLN A 481 -3.40 11.77 -26.54
CA GLN A 481 -2.48 11.00 -25.72
C GLN A 481 -2.73 9.52 -25.98
N PRO A 482 -1.75 8.77 -26.49
CA PRO A 482 -1.97 7.34 -26.78
C PRO A 482 -2.33 6.58 -25.53
N TRP A 483 -3.21 5.58 -25.68
CA TRP A 483 -3.75 4.85 -24.55
C TRP A 483 -3.65 3.35 -24.80
N VAL A 484 -2.94 2.65 -23.91
CA VAL A 484 -2.73 1.21 -24.01
C VAL A 484 -3.26 0.57 -22.74
N PHE A 485 -3.98 -0.54 -22.89
CA PHE A 485 -4.57 -1.25 -21.76
C PHE A 485 -3.77 -2.51 -21.43
N SER A 486 -4.13 -3.13 -20.32
CA SER A 486 -3.43 -4.32 -19.86
C SER A 486 -3.70 -5.49 -20.80
N GLY A 487 -2.66 -5.94 -21.49
CA GLY A 487 -2.78 -7.07 -22.41
C GLY A 487 -1.65 -7.15 -23.41
N THR A 488 -1.66 -8.21 -24.22
CA THR A 488 -0.61 -8.39 -25.22
C THR A 488 -0.80 -7.40 -26.37
N LEU A 489 0.26 -7.21 -27.14
CA LEU A 489 0.24 -6.22 -28.20
C LEU A 489 -0.74 -6.60 -29.30
N ARG A 490 -0.79 -7.88 -29.66
CA ARG A 490 -1.77 -8.33 -30.65
C ARG A 490 -3.19 -8.12 -30.14
N SER A 491 -3.43 -8.44 -28.87
CA SER A 491 -4.74 -8.17 -28.28
C SER A 491 -5.00 -6.68 -28.19
N ASN A 492 -3.95 -5.90 -27.94
CA ASN A 492 -4.11 -4.44 -27.90
C ASN A 492 -4.56 -3.90 -29.25
N ILE A 493 -3.97 -4.40 -30.33
CA ILE A 493 -4.37 -3.97 -31.67
C ILE A 493 -5.78 -4.46 -31.99
N LEU A 494 -6.07 -5.72 -31.69
CA LEU A 494 -7.37 -6.28 -32.05
C LEU A 494 -8.51 -5.56 -31.34
N PHE A 495 -8.32 -5.24 -30.06
CA PHE A 495 -9.34 -4.56 -29.25
C PHE A 495 -10.70 -5.25 -29.37
N GLY A 496 -10.68 -6.57 -29.26
CA GLY A 496 -11.89 -7.37 -29.31
C GLY A 496 -12.24 -7.92 -30.67
N LYS A 497 -11.69 -7.36 -31.75
CA LYS A 497 -11.95 -7.87 -33.08
C LYS A 497 -11.18 -9.17 -33.31
N LYS A 498 -11.84 -10.11 -34.00
CA LYS A 498 -11.21 -11.39 -34.29
C LYS A 498 -10.02 -11.21 -35.24
N TYR A 499 -8.99 -12.03 -35.02
CA TYR A 499 -7.73 -11.89 -35.74
C TYR A 499 -7.88 -12.34 -37.18
N GLU A 500 -7.32 -11.56 -38.11
CA GLU A 500 -7.24 -11.91 -39.53
C GLU A 500 -5.81 -11.69 -39.97
N LYS A 501 -5.18 -12.74 -40.49
CA LYS A 501 -3.72 -12.76 -40.62
C LYS A 501 -3.22 -11.70 -41.61
N GLU A 502 -3.80 -11.71 -42.81
CA GLU A 502 -3.42 -10.75 -43.88
C GLU A 502 -3.84 -9.33 -43.48
N ARG A 503 -4.92 -9.21 -42.69
CA ARG A 503 -5.42 -7.89 -42.24
C ARG A 503 -4.61 -7.43 -41.01
N TYR A 504 -3.89 -8.35 -40.37
CA TYR A 504 -3.08 -8.02 -39.18
C TYR A 504 -1.62 -7.78 -39.60
N GLU A 505 -1.23 -8.30 -40.77
CA GLU A 505 0.14 -8.14 -41.26
C GLU A 505 0.30 -6.83 -42.02
N LYS A 506 -0.70 -6.46 -42.81
CA LYS A 506 -0.65 -5.16 -43.49
C LYS A 506 -0.67 -4.03 -42.48
N VAL A 507 -1.45 -4.17 -41.42
CA VAL A 507 -1.44 -3.17 -40.35
C VAL A 507 -0.05 -3.06 -39.73
N ILE A 508 0.58 -4.20 -39.47
CA ILE A 508 1.90 -4.21 -38.85
C ILE A 508 2.92 -3.52 -39.75
N LYS A 509 2.91 -3.86 -41.04
CA LYS A 509 3.91 -3.30 -41.94
C LYS A 509 3.67 -1.82 -42.21
N ALA A 510 2.41 -1.43 -42.41
CA ALA A 510 2.10 -0.03 -42.69
C ALA A 510 2.31 0.84 -41.46
N CYS A 511 2.29 0.24 -40.26
CA CYS A 511 2.55 0.98 -39.04
C CYS A 511 4.02 0.91 -38.62
N ALA A 512 4.86 0.22 -39.38
CA ALA A 512 6.28 0.07 -39.08
C ALA A 512 6.53 -0.49 -37.68
N LEU A 513 5.69 -1.43 -37.25
CA LEU A 513 5.83 -2.01 -35.92
C LEU A 513 6.82 -3.16 -35.85
N LYS A 514 7.37 -3.59 -37.00
CA LYS A 514 8.23 -4.76 -37.02
C LYS A 514 9.46 -4.57 -36.14
N LYS A 515 10.03 -3.36 -36.14
CA LYS A 515 11.17 -3.08 -35.29
C LYS A 515 10.84 -3.30 -33.82
N ASP A 516 9.75 -2.69 -33.34
CA ASP A 516 9.37 -2.82 -31.94
C ASP A 516 9.07 -4.27 -31.57
N LEU A 517 8.37 -4.99 -32.46
CA LEU A 517 8.06 -6.38 -32.20
C LEU A 517 9.32 -7.24 -32.11
N GLN A 518 10.30 -6.97 -32.98
CA GLN A 518 11.55 -7.72 -32.93
C GLN A 518 12.44 -7.31 -31.77
N LEU A 519 12.20 -6.14 -31.17
CA LEU A 519 12.93 -5.75 -29.98
C LEU A 519 12.47 -6.50 -28.74
N LEU A 520 11.24 -7.01 -28.72
CA LEU A 520 10.67 -7.64 -27.53
C LEU A 520 10.77 -9.15 -27.62
N GLU A 521 10.63 -9.82 -26.47
CA GLU A 521 10.82 -11.26 -26.42
C GLU A 521 9.75 -12.01 -27.20
N ASP A 522 8.48 -11.69 -26.94
CA ASP A 522 7.37 -12.44 -27.50
C ASP A 522 6.93 -11.92 -28.87
N GLY A 523 7.77 -11.17 -29.56
CA GLY A 523 7.37 -10.56 -30.81
C GLY A 523 6.23 -9.58 -30.61
N ASP A 524 5.08 -9.87 -31.22
CA ASP A 524 3.88 -9.06 -31.00
C ASP A 524 3.01 -9.58 -29.87
N LEU A 525 3.47 -10.60 -29.13
CA LEU A 525 2.69 -11.18 -28.05
C LEU A 525 3.14 -10.72 -26.67
N THR A 526 4.04 -9.75 -26.58
CA THR A 526 4.51 -9.28 -25.28
C THR A 526 3.39 -8.58 -24.53
N VAL A 527 3.29 -8.89 -23.23
CA VAL A 527 2.22 -8.36 -22.40
C VAL A 527 2.53 -6.91 -22.05
N ILE A 528 1.56 -6.03 -22.25
CA ILE A 528 1.72 -4.61 -21.98
C ILE A 528 0.80 -4.23 -20.82
N GLY A 529 1.38 -3.77 -19.72
CA GLY A 529 0.60 -3.38 -18.57
C GLY A 529 -0.08 -2.03 -18.75
N ASP A 530 -0.36 -1.39 -17.62
CA ASP A 530 -0.99 -0.08 -17.63
C ASP A 530 0.04 1.01 -17.90
N ARG A 531 -0.41 2.11 -18.49
CA ARG A 531 0.38 3.29 -18.82
C ARG A 531 1.52 2.99 -19.78
N GLY A 532 1.55 1.80 -20.39
CA GLY A 532 2.63 1.48 -21.30
C GLY A 532 4.00 1.41 -20.64
N THR A 533 4.08 0.77 -19.47
CA THR A 533 5.37 0.63 -18.80
C THR A 533 6.33 -0.25 -19.58
N THR A 534 5.82 -1.16 -20.41
CA THR A 534 6.68 -1.98 -21.24
C THR A 534 6.90 -1.39 -22.63
N LEU A 535 6.26 -0.25 -22.93
CA LEU A 535 6.35 0.37 -24.24
C LEU A 535 6.91 1.79 -24.13
N SER A 536 7.29 2.34 -25.28
CA SER A 536 7.67 3.74 -25.35
C SER A 536 6.52 4.56 -25.94
N GLY A 537 6.65 5.88 -25.83
CA GLY A 537 5.60 6.76 -26.34
C GLY A 537 5.35 6.58 -27.82
N GLY A 538 6.41 6.47 -28.61
CA GLY A 538 6.24 6.17 -30.03
C GLY A 538 5.56 4.83 -30.25
N GLN A 539 5.94 3.83 -29.47
CA GLN A 539 5.26 2.53 -29.55
C GLN A 539 3.79 2.66 -29.19
N LYS A 540 3.47 3.43 -28.14
CA LYS A 540 2.08 3.63 -27.77
C LYS A 540 1.29 4.27 -28.91
N ALA A 541 1.85 5.32 -29.53
CA ALA A 541 1.16 5.99 -30.62
C ALA A 541 0.98 5.05 -31.81
N ARG A 542 2.01 4.26 -32.13
CA ARG A 542 1.91 3.36 -33.27
C ARG A 542 0.91 2.25 -33.03
N VAL A 543 0.84 1.72 -31.80
CA VAL A 543 -0.14 0.68 -31.50
C VAL A 543 -1.55 1.26 -31.50
N ASN A 544 -1.71 2.51 -31.04
CA ASN A 544 -3.03 3.13 -31.10
C ASN A 544 -3.46 3.34 -32.56
N LEU A 545 -2.54 3.77 -33.42
CA LEU A 545 -2.84 3.90 -34.83
C LEU A 545 -3.18 2.54 -35.45
N ALA A 546 -2.47 1.50 -35.03
CA ALA A 546 -2.76 0.15 -35.50
C ALA A 546 -4.16 -0.28 -35.09
N ARG A 547 -4.56 0.02 -33.86
CA ARG A 547 -5.92 -0.26 -33.42
C ARG A 547 -6.93 0.47 -34.28
N ALA A 548 -6.68 1.76 -34.54
CA ALA A 548 -7.60 2.54 -35.36
C ALA A 548 -7.73 1.96 -36.76
N VAL A 549 -6.60 1.54 -37.35
CA VAL A 549 -6.64 0.98 -38.70
C VAL A 549 -7.37 -0.36 -38.71
N TYR A 550 -7.07 -1.23 -37.75
CA TYR A 550 -7.66 -2.56 -37.76
C TYR A 550 -9.14 -2.54 -37.43
N GLN A 551 -9.61 -1.60 -36.61
CA GLN A 551 -11.04 -1.48 -36.41
C GLN A 551 -11.76 -1.07 -37.69
N ASP A 552 -11.06 -0.37 -38.58
CA ASP A 552 -11.50 -0.08 -39.95
C ASP A 552 -12.95 0.42 -39.98
N ALA A 553 -13.18 1.53 -39.27
CA ALA A 553 -14.48 2.16 -39.28
C ALA A 553 -14.65 2.98 -40.57
N ASP A 554 -15.81 3.61 -40.69
CA ASP A 554 -16.06 4.52 -41.80
C ASP A 554 -15.34 5.86 -41.64
N ILE A 555 -15.32 6.40 -40.42
CA ILE A 555 -14.81 7.74 -40.15
C ILE A 555 -13.60 7.61 -39.23
N TYR A 556 -12.53 8.36 -39.54
CA TYR A 556 -11.30 8.33 -38.78
C TYR A 556 -11.03 9.72 -38.21
N LEU A 557 -10.72 9.77 -36.92
CA LEU A 557 -10.28 11.01 -36.26
C LEU A 557 -8.89 10.76 -35.68
N LEU A 558 -7.94 11.62 -36.03
CA LEU A 558 -6.56 11.50 -35.58
C LEU A 558 -6.12 12.85 -35.01
N ASP A 559 -5.82 12.88 -33.71
CA ASP A 559 -5.42 14.11 -33.04
C ASP A 559 -3.93 14.01 -32.71
N ASP A 560 -3.12 14.76 -33.45
CA ASP A 560 -1.68 14.86 -33.24
C ASP A 560 -1.01 13.49 -33.09
N PRO A 561 -1.08 12.64 -34.12
CA PRO A 561 -0.49 11.30 -33.98
C PRO A 561 1.02 11.24 -34.16
N LEU A 562 1.59 12.08 -35.03
CA LEU A 562 2.98 11.95 -35.43
C LEU A 562 3.94 12.85 -34.67
N SER A 563 3.45 13.62 -33.69
CA SER A 563 4.31 14.54 -32.97
C SER A 563 5.39 13.84 -32.15
N ALA A 564 5.05 12.75 -31.47
CA ALA A 564 5.94 12.11 -30.53
C ALA A 564 6.85 11.06 -31.16
N VAL A 565 6.79 10.88 -32.48
CA VAL A 565 7.61 9.88 -33.16
C VAL A 565 8.64 10.60 -34.03
N ASP A 566 9.59 9.82 -34.54
CA ASP A 566 10.66 10.39 -35.37
C ASP A 566 10.11 10.78 -36.74
N ALA A 567 10.90 11.59 -37.45
CA ALA A 567 10.46 12.14 -38.72
C ALA A 567 10.23 11.05 -39.77
N GLU A 568 11.13 10.07 -39.86
CA GLU A 568 11.02 9.05 -40.90
C GLU A 568 9.79 8.17 -40.70
N VAL A 569 9.60 7.65 -39.47
CA VAL A 569 8.45 6.80 -39.21
C VAL A 569 7.16 7.59 -39.32
N SER A 570 7.17 8.85 -38.88
CA SER A 570 5.97 9.69 -39.03
C SER A 570 5.62 9.91 -40.49
N ARG A 571 6.64 10.16 -41.33
CA ARG A 571 6.41 10.32 -42.76
C ARG A 571 5.85 9.03 -43.36
N HIS A 572 6.41 7.89 -42.95
CA HIS A 572 5.91 6.60 -43.44
C HIS A 572 4.45 6.40 -43.06
N LEU A 573 4.11 6.69 -41.81
CA LEU A 573 2.74 6.54 -41.33
C LEU A 573 1.79 7.46 -42.09
N PHE A 574 2.19 8.71 -42.30
CA PHE A 574 1.31 9.65 -42.98
C PHE A 574 1.12 9.27 -44.44
N GLU A 575 2.20 8.83 -45.11
CA GLU A 575 2.12 8.57 -46.53
C GLU A 575 1.44 7.24 -46.82
N LEU A 576 2.02 6.13 -46.33
CA LEU A 576 1.52 4.82 -46.74
C LEU A 576 0.32 4.35 -45.96
N CYS A 577 0.03 4.96 -44.81
CA CYS A 577 -1.16 4.59 -44.04
C CYS A 577 -2.25 5.67 -44.15
N ILE A 578 -1.92 6.91 -43.79
CA ILE A 578 -2.92 7.97 -43.79
C ILE A 578 -3.26 8.40 -45.20
N CYS A 579 -2.25 8.67 -46.02
CA CYS A 579 -2.51 9.09 -47.40
C CYS A 579 -2.94 7.95 -48.31
N GLN A 580 -2.42 6.75 -48.09
CA GLN A 580 -2.69 5.63 -48.98
C GLN A 580 -3.87 4.78 -48.52
N ILE A 581 -3.78 4.21 -47.31
CA ILE A 581 -4.84 3.33 -46.82
C ILE A 581 -6.13 4.11 -46.59
N LEU A 582 -6.02 5.32 -46.05
CA LEU A 582 -7.18 6.13 -45.70
C LEU A 582 -7.63 7.04 -46.84
N HIS A 583 -7.05 6.90 -48.03
CA HIS A 583 -7.52 7.70 -49.17
C HIS A 583 -8.94 7.34 -49.55
N GLU A 584 -9.41 6.15 -49.15
CA GLU A 584 -10.80 5.75 -49.33
C GLU A 584 -11.61 5.85 -48.04
N LYS A 585 -11.07 6.46 -47.00
CA LYS A 585 -11.69 6.51 -45.69
C LYS A 585 -11.93 7.95 -45.25
N ILE A 586 -13.08 8.18 -44.64
CA ILE A 586 -13.39 9.46 -44.02
C ILE A 586 -12.37 9.69 -42.90
N THR A 587 -11.64 10.80 -42.97
CA THR A 587 -10.57 11.09 -42.03
C THR A 587 -10.57 12.56 -41.68
N ILE A 588 -10.47 12.87 -40.39
CA ILE A 588 -10.25 14.21 -39.88
C ILE A 588 -8.97 14.17 -39.06
N LEU A 589 -8.06 15.09 -39.34
CA LEU A 589 -6.73 15.07 -38.74
C LEU A 589 -6.44 16.40 -38.06
N VAL A 590 -5.95 16.34 -36.82
CA VAL A 590 -5.35 17.50 -36.17
C VAL A 590 -3.84 17.32 -36.16
N THR A 591 -3.13 18.32 -36.68
CA THR A 591 -1.71 18.18 -36.92
C THR A 591 -0.96 19.40 -36.43
N HIS A 592 0.32 19.21 -36.14
CA HIS A 592 1.21 20.29 -35.72
C HIS A 592 2.44 20.43 -36.60
N GLN A 593 2.69 19.47 -37.48
CA GLN A 593 3.85 19.51 -38.39
C GLN A 593 3.36 20.02 -39.74
N LEU A 594 4.00 21.09 -40.23
CA LEU A 594 3.54 21.76 -41.42
C LEU A 594 3.86 20.98 -42.69
N GLN A 595 4.85 20.09 -42.63
CA GLN A 595 5.26 19.36 -43.83
C GLN A 595 4.13 18.50 -44.40
N TYR A 596 3.24 18.01 -43.55
CA TYR A 596 2.21 17.06 -43.97
C TYR A 596 0.98 17.74 -44.57
N LEU A 597 0.90 19.07 -44.54
CA LEU A 597 -0.26 19.77 -45.05
C LEU A 597 -0.41 19.64 -46.56
N LYS A 598 0.69 19.44 -47.28
CA LYS A 598 0.63 19.38 -48.74
C LYS A 598 -0.23 18.21 -49.22
N ALA A 599 -0.23 17.10 -48.49
CA ALA A 599 -1.01 15.93 -48.85
C ALA A 599 -2.45 15.99 -48.35
N ALA A 600 -2.80 17.02 -47.59
CA ALA A 600 -4.16 17.17 -47.11
C ALA A 600 -5.07 17.70 -48.21
N SER A 601 -6.13 16.96 -48.51
CA SER A 601 -7.07 17.38 -49.54
C SER A 601 -7.85 18.62 -49.11
N GLN A 602 -7.91 18.88 -47.81
CA GLN A 602 -8.55 20.08 -47.28
C GLN A 602 -7.77 20.54 -46.06
N ILE A 603 -7.87 21.83 -45.74
CA ILE A 603 -7.24 22.43 -44.59
C ILE A 603 -8.24 23.39 -43.94
N LEU A 604 -8.42 23.26 -42.63
CA LEU A 604 -9.26 24.13 -41.84
C LEU A 604 -8.39 24.82 -40.80
N ILE A 605 -8.51 26.14 -40.69
CA ILE A 605 -7.79 26.90 -39.67
C ILE A 605 -8.79 27.33 -38.60
N LEU A 606 -8.49 26.97 -37.36
CA LEU A 606 -9.34 27.28 -36.21
C LEU A 606 -8.57 28.19 -35.27
N LYS A 607 -9.22 29.26 -34.82
CA LYS A 607 -8.59 30.23 -33.93
C LYS A 607 -9.66 30.93 -33.10
N ASP A 608 -9.41 31.04 -31.80
CA ASP A 608 -10.37 31.63 -30.85
C ASP A 608 -11.72 30.92 -30.95
N GLY A 609 -11.68 29.62 -31.26
CA GLY A 609 -12.88 28.83 -31.42
C GLY A 609 -13.65 29.11 -32.70
N LYS A 610 -13.18 30.00 -33.55
CA LYS A 610 -13.87 30.36 -34.78
C LYS A 610 -13.10 29.85 -36.00
N MET A 611 -13.86 29.42 -37.01
CA MET A 611 -13.29 29.06 -38.30
C MET A 611 -12.58 30.29 -38.88
N VAL A 612 -11.36 30.09 -39.37
CA VAL A 612 -10.65 31.19 -40.02
C VAL A 612 -10.71 31.06 -41.53
N GLN A 613 -10.37 29.88 -42.06
CA GLN A 613 -10.44 29.63 -43.49
C GLN A 613 -10.33 28.14 -43.76
N LYS A 614 -11.11 27.68 -44.73
CA LYS A 614 -11.02 26.32 -45.27
C LYS A 614 -10.59 26.40 -46.72
N GLY A 615 -9.69 25.52 -47.12
CA GLY A 615 -9.27 25.49 -48.51
C GLY A 615 -8.15 24.48 -48.72
N THR A 616 -7.76 24.35 -49.98
CA THR A 616 -6.63 23.50 -50.31
C THR A 616 -5.32 24.18 -49.92
N TYR A 617 -4.25 23.38 -49.88
CA TYR A 617 -2.93 23.93 -49.56
C TYR A 617 -2.52 25.01 -50.55
N THR A 618 -2.92 24.85 -51.82
CA THR A 618 -2.63 25.85 -52.82
C THR A 618 -3.30 27.19 -52.51
N GLU A 619 -4.56 27.16 -52.04
CA GLU A 619 -5.25 28.41 -51.75
C GLU A 619 -4.62 29.14 -50.56
N PHE A 620 -4.03 28.39 -49.63
CA PHE A 620 -3.38 29.04 -48.49
C PHE A 620 -1.98 29.50 -48.86
N LEU A 621 -1.36 28.86 -49.85
CA LEU A 621 -0.17 29.45 -50.46
C LEU A 621 -0.52 30.76 -51.15
N LYS A 622 -1.66 30.81 -51.83
CA LYS A 622 -2.07 32.02 -52.54
C LYS A 622 -2.52 33.10 -51.58
N SER A 623 -3.00 32.74 -50.39
CA SER A 623 -3.49 33.71 -49.43
C SER A 623 -2.40 34.59 -48.83
N GLY A 624 -1.13 34.22 -49.01
CA GLY A 624 -0.05 35.01 -48.47
C GLY A 624 0.16 34.85 -46.98
N ILE A 625 -0.61 33.98 -46.34
CA ILE A 625 -0.52 33.76 -44.90
C ILE A 625 0.38 32.54 -44.66
N ASP A 626 1.63 32.79 -44.30
CA ASP A 626 2.55 31.71 -43.94
C ASP A 626 2.05 31.09 -42.64
N PHE A 627 2.10 29.76 -42.57
CA PHE A 627 1.58 29.05 -41.41
C PHE A 627 2.36 29.40 -40.14
N GLY A 628 3.68 29.54 -40.24
CA GLY A 628 4.47 29.89 -39.08
C GLY A 628 4.09 31.22 -38.48
N SER A 629 3.62 32.15 -39.32
CA SER A 629 3.13 33.42 -38.80
C SER A 629 1.92 33.24 -37.90
N LEU A 630 0.98 32.37 -38.28
CA LEU A 630 -0.19 32.11 -37.45
C LEU A 630 0.15 31.27 -36.22
N LEU A 631 1.09 30.33 -36.34
CA LEU A 631 1.39 29.41 -35.25
C LEU A 631 2.21 30.04 -34.13
N LYS A 632 2.70 31.26 -34.30
CA LYS A 632 3.54 31.89 -33.28
C LYS A 632 2.71 32.92 -32.52
N LYS A 633 2.79 32.87 -31.19
CA LYS A 633 2.03 33.78 -30.34
C LYS A 633 2.93 34.41 -29.27
N GLY A 697 11.93 -19.31 11.47
CA GLY A 697 12.71 -20.07 12.43
C GLY A 697 12.49 -19.62 13.86
N PHE A 698 13.24 -20.22 14.79
CA PHE A 698 13.15 -19.86 16.21
C PHE A 698 14.13 -18.77 16.61
N GLN A 699 15.24 -18.63 15.88
CA GLN A 699 16.21 -17.58 16.20
C GLN A 699 15.58 -16.19 16.12
N ALA A 700 14.62 -16.00 15.21
CA ALA A 700 13.96 -14.71 15.10
C ALA A 700 13.20 -14.37 16.38
N TYR A 701 12.49 -15.34 16.95
CA TYR A 701 11.77 -15.09 18.19
C TYR A 701 12.74 -14.78 19.33
N LYS A 702 13.85 -15.51 19.40
CA LYS A 702 14.81 -15.26 20.47
C LYS A 702 15.42 -13.87 20.35
N ASN A 703 15.73 -13.44 19.12
CA ASN A 703 16.30 -12.11 18.93
C ASN A 703 15.27 -11.02 19.15
N TYR A 704 14.00 -11.30 18.87
CA TYR A 704 12.95 -10.32 19.12
C TYR A 704 12.69 -10.15 20.62
N PHE A 705 12.77 -11.25 21.37
CA PHE A 705 12.49 -11.19 22.80
C PHE A 705 13.70 -10.78 23.62
N ARG A 706 14.91 -11.01 23.11
CA ARG A 706 16.11 -10.64 23.85
C ARG A 706 16.29 -9.12 23.86
N ALA A 707 15.92 -8.46 22.76
CA ALA A 707 16.12 -7.01 22.66
C ALA A 707 15.31 -6.26 23.70
N GLY A 708 14.07 -6.68 23.95
CA GLY A 708 13.20 -5.93 24.83
C GLY A 708 13.63 -5.93 26.28
N ALA A 709 14.13 -7.05 26.77
CA ALA A 709 14.50 -7.15 28.18
C ALA A 709 15.48 -8.29 28.39
N HIS A 710 16.23 -8.20 29.48
CA HIS A 710 17.11 -9.28 29.88
C HIS A 710 16.30 -10.47 30.35
N TRP A 711 16.92 -11.65 30.33
CA TRP A 711 16.19 -12.89 30.55
C TRP A 711 15.57 -12.98 31.94
N ILE A 712 16.06 -12.21 32.91
CA ILE A 712 15.41 -12.20 34.23
C ILE A 712 13.99 -11.67 34.12
N VAL A 713 13.82 -10.56 33.39
CA VAL A 713 12.49 -10.01 33.18
C VAL A 713 11.62 -10.97 32.38
N PHE A 714 12.22 -11.74 31.48
CA PHE A 714 11.44 -12.70 30.70
C PHE A 714 10.96 -13.86 31.58
N ILE A 715 11.80 -14.32 32.49
CA ILE A 715 11.37 -15.35 33.43
C ILE A 715 10.29 -14.81 34.36
N PHE A 716 10.42 -13.55 34.76
CA PHE A 716 9.36 -12.94 35.57
C PHE A 716 8.06 -12.83 34.78
N LEU A 717 8.17 -12.54 33.48
CA LEU A 717 6.99 -12.51 32.61
C LEU A 717 6.31 -13.87 32.54
N ILE A 718 7.10 -14.94 32.41
CA ILE A 718 6.52 -16.28 32.36
C ILE A 718 5.83 -16.60 33.68
N LEU A 719 6.49 -16.27 34.81
CA LEU A 719 5.87 -16.52 36.10
C LEU A 719 4.59 -15.70 36.27
N LEU A 720 4.54 -14.51 35.69
CA LEU A 720 3.35 -13.68 35.82
C LEU A 720 2.20 -14.20 34.98
N ASN A 721 2.51 -14.68 33.77
CA ASN A 721 1.50 -15.35 32.94
C ASN A 721 0.92 -16.55 33.68
N THR A 722 1.81 -17.38 34.23
CA THR A 722 1.36 -18.57 34.94
C THR A 722 0.51 -18.21 36.15
N ALA A 723 0.92 -17.20 36.91
CA ALA A 723 0.13 -16.80 38.08
C ALA A 723 -1.24 -16.28 37.67
N ALA A 724 -1.31 -15.50 36.60
CA ALA A 724 -2.60 -14.98 36.16
C ALA A 724 -3.54 -16.11 35.76
N GLN A 725 -3.06 -17.03 34.93
CA GLN A 725 -3.90 -18.14 34.50
C GLN A 725 -4.30 -19.02 35.68
N VAL A 726 -3.36 -19.27 36.59
CA VAL A 726 -3.65 -20.15 37.72
C VAL A 726 -4.70 -19.53 38.64
N ALA A 727 -4.64 -18.20 38.83
CA ALA A 727 -5.67 -17.57 39.66
C ALA A 727 -7.02 -17.56 38.95
N TYR A 728 -7.01 -17.37 37.62
CA TYR A 728 -8.22 -17.53 36.83
C TYR A 728 -8.88 -18.88 37.11
N VAL A 729 -8.10 -19.95 36.99
CA VAL A 729 -8.65 -21.29 37.18
C VAL A 729 -9.08 -21.49 38.64
N LEU A 730 -8.28 -21.00 39.59
CA LEU A 730 -8.55 -21.29 40.99
C LEU A 730 -9.74 -20.53 41.54
N GLN A 731 -10.19 -19.44 40.90
CA GLN A 731 -11.43 -18.84 41.38
C GLN A 731 -12.61 -19.77 41.16
N ASP A 732 -12.75 -20.31 39.94
CA ASP A 732 -13.81 -21.28 39.69
C ASP A 732 -13.59 -22.56 40.48
N TRP A 733 -12.33 -22.96 40.66
CA TRP A 733 -12.07 -24.10 41.53
C TRP A 733 -12.51 -23.83 42.96
N TRP A 734 -12.41 -22.57 43.40
CA TRP A 734 -12.86 -22.21 44.73
C TRP A 734 -14.37 -22.28 44.83
N LEU A 735 -15.06 -21.88 43.76
CA LEU A 735 -16.51 -22.10 43.75
C LEU A 735 -16.85 -23.58 43.85
N SER A 736 -16.08 -24.42 43.14
CA SER A 736 -16.25 -25.86 43.23
C SER A 736 -16.05 -26.37 44.65
N TYR A 737 -14.96 -25.94 45.29
CA TYR A 737 -14.65 -26.36 46.65
C TYR A 737 -15.71 -25.89 47.63
N TRP A 738 -16.20 -24.65 47.44
CA TRP A 738 -17.27 -24.13 48.27
C TRP A 738 -18.52 -24.98 48.13
N ALA A 739 -18.88 -25.34 46.90
CA ALA A 739 -20.04 -26.18 46.68
C ALA A 739 -19.88 -27.54 47.34
N ASN A 740 -18.69 -28.15 47.20
CA ASN A 740 -18.44 -29.45 47.82
C ASN A 740 -18.55 -29.36 49.34
N LYS A 741 -17.96 -28.34 49.94
CA LYS A 741 -18.03 -28.18 51.38
C LYS A 741 -19.43 -27.82 51.86
N GLN A 742 -20.27 -27.27 50.98
CA GLN A 742 -21.65 -27.00 51.37
C GLN A 742 -22.55 -28.22 51.27
N SER A 743 -22.41 -29.00 50.20
CA SER A 743 -23.19 -30.23 50.08
C SER A 743 -22.86 -31.19 51.21
N MET A 744 -21.57 -31.32 51.56
CA MET A 744 -21.13 -32.19 52.64
C MET A 744 -21.31 -31.46 53.98
N LEU A 745 -22.57 -31.13 54.27
CA LEU A 745 -22.92 -30.43 55.50
C LEU A 745 -24.19 -31.05 56.07
N ASN A 746 -24.38 -30.84 57.37
CA ASN A 746 -25.53 -31.33 58.16
C ASN A 746 -26.18 -32.62 57.64
N THR A 756 -29.65 -24.86 63.33
CA THR A 756 -28.98 -25.60 62.26
C THR A 756 -27.55 -25.13 62.08
N GLU A 757 -26.74 -25.95 61.44
CA GLU A 757 -25.36 -25.59 61.12
C GLU A 757 -25.34 -24.64 59.92
N LYS A 758 -24.31 -23.82 59.85
CA LYS A 758 -24.08 -22.94 58.71
C LYS A 758 -22.64 -23.07 58.25
N LEU A 759 -22.26 -22.21 57.30
CA LEU A 759 -20.93 -22.20 56.73
C LEU A 759 -20.34 -20.82 56.92
N ASP A 760 -19.09 -20.74 57.38
CA ASP A 760 -18.47 -19.47 57.73
C ASP A 760 -18.33 -18.62 56.48
N LEU A 761 -19.18 -17.60 56.36
CA LEU A 761 -19.28 -16.84 55.13
C LEU A 761 -18.12 -15.86 54.95
N ASN A 762 -17.66 -15.27 56.04
CA ASN A 762 -16.61 -14.26 55.93
C ASN A 762 -15.34 -14.85 55.34
N TRP A 763 -14.93 -16.03 55.80
CA TRP A 763 -13.75 -16.69 55.25
C TRP A 763 -13.91 -16.95 53.76
N TYR A 764 -15.03 -17.56 53.38
CA TYR A 764 -15.19 -18.00 51.99
C TYR A 764 -15.24 -16.80 51.05
N LEU A 765 -16.01 -15.77 51.41
CA LEU A 765 -16.01 -14.56 50.61
C LEU A 765 -14.65 -13.89 50.61
N GLY A 766 -13.90 -13.97 51.71
CA GLY A 766 -12.58 -13.37 51.73
C GLY A 766 -11.64 -13.98 50.72
N ILE A 767 -11.50 -15.31 50.75
CA ILE A 767 -10.62 -15.94 49.77
C ILE A 767 -11.17 -15.82 48.36
N TYR A 768 -12.49 -15.83 48.18
CA TYR A 768 -13.04 -15.72 46.84
C TYR A 768 -12.78 -14.34 46.25
N SER A 769 -12.96 -13.28 47.06
CA SER A 769 -12.62 -11.94 46.61
C SER A 769 -11.12 -11.79 46.40
N GLY A 770 -10.31 -12.43 47.24
CA GLY A 770 -8.88 -12.38 47.03
C GLY A 770 -8.46 -13.02 45.72
N LEU A 771 -9.10 -14.13 45.36
CA LEU A 771 -8.78 -14.77 44.09
C LEU A 771 -9.24 -13.91 42.92
N THR A 772 -10.41 -13.28 43.03
CA THR A 772 -10.86 -12.40 41.96
C THR A 772 -9.93 -11.22 41.78
N VAL A 773 -9.52 -10.59 42.88
CA VAL A 773 -8.61 -9.45 42.80
C VAL A 773 -7.25 -9.90 42.26
N ALA A 774 -6.78 -11.08 42.65
CA ALA A 774 -5.52 -11.58 42.13
C ALA A 774 -5.62 -11.80 40.63
N THR A 775 -6.75 -12.33 40.16
CA THR A 775 -6.92 -12.52 38.72
C THR A 775 -6.87 -11.19 37.99
N VAL A 776 -7.59 -10.19 38.50
CA VAL A 776 -7.63 -8.89 37.84
C VAL A 776 -6.24 -8.26 37.79
N LEU A 777 -5.56 -8.22 38.95
CA LEU A 777 -4.25 -7.56 39.02
C LEU A 777 -3.21 -8.30 38.20
N PHE A 778 -3.21 -9.63 38.24
CA PHE A 778 -2.22 -10.37 37.46
C PHE A 778 -2.49 -10.25 35.97
N GLY A 779 -3.76 -10.17 35.57
CA GLY A 779 -4.05 -9.93 34.15
C GLY A 779 -3.57 -8.57 33.69
N ILE A 780 -3.86 -7.53 34.49
CA ILE A 780 -3.41 -6.18 34.13
C ILE A 780 -1.88 -6.13 34.07
N ALA A 781 -1.22 -6.71 35.07
CA ALA A 781 0.24 -6.69 35.12
C ALA A 781 0.83 -7.43 33.93
N ARG A 782 0.28 -8.60 33.59
CA ARG A 782 0.77 -9.33 32.43
C ARG A 782 0.60 -8.53 31.16
N SER A 783 -0.55 -7.89 30.98
CA SER A 783 -0.80 -7.16 29.74
C SER A 783 0.15 -5.97 29.61
N LEU A 784 0.24 -5.15 30.65
CA LEU A 784 1.14 -4.00 30.59
C LEU A 784 2.59 -4.44 30.41
N LEU A 785 3.01 -5.52 31.09
CA LEU A 785 4.41 -5.92 30.99
C LEU A 785 4.74 -6.49 29.61
N VAL A 786 3.82 -7.25 29.00
CA VAL A 786 4.07 -7.74 27.66
C VAL A 786 4.13 -6.60 26.67
N PHE A 787 3.18 -5.64 26.76
CA PHE A 787 3.25 -4.50 25.86
C PHE A 787 4.53 -3.70 26.05
N TYR A 788 4.92 -3.46 27.30
CA TYR A 788 6.14 -2.69 27.56
C TYR A 788 7.36 -3.40 26.99
N VAL A 789 7.46 -4.72 27.20
CA VAL A 789 8.64 -5.44 26.74
C VAL A 789 8.71 -5.46 25.22
N LEU A 790 7.59 -5.72 24.54
CA LEU A 790 7.65 -5.78 23.09
C LEU A 790 7.79 -4.40 22.46
N VAL A 791 7.19 -3.36 23.03
CA VAL A 791 7.41 -2.00 22.54
C VAL A 791 8.87 -1.60 22.72
N ASN A 792 9.46 -1.92 23.86
CA ASN A 792 10.87 -1.61 24.08
C ASN A 792 11.74 -2.39 23.11
N SER A 793 11.35 -3.64 22.85
CA SER A 793 12.10 -4.52 21.90
C SER A 793 12.09 -3.89 20.51
N SER A 794 10.94 -3.32 20.11
CA SER A 794 10.81 -2.67 18.78
C SER A 794 11.61 -1.36 18.78
N GLN A 795 11.56 -0.62 19.88
CA GLN A 795 12.30 0.67 20.00
C GLN A 795 13.80 0.40 19.81
N THR A 796 14.32 -0.62 20.49
CA THR A 796 15.73 -0.99 20.37
C THR A 796 16.07 -1.46 18.96
N LEU A 797 15.19 -2.27 18.36
CA LEU A 797 15.44 -2.75 17.01
C LEU A 797 15.48 -1.58 16.02
N HIS A 798 14.58 -0.61 16.17
CA HIS A 798 14.57 0.52 15.25
C HIS A 798 15.82 1.38 15.44
N ASN A 799 16.22 1.62 16.68
CA ASN A 799 17.44 2.40 16.91
C ASN A 799 18.65 1.71 16.30
N LYS A 800 18.75 0.39 16.47
CA LYS A 800 19.88 -0.33 15.89
C LYS A 800 19.84 -0.28 14.37
N MET A 801 18.66 -0.49 13.78
CA MET A 801 18.49 -0.30 12.33
C MET A 801 19.04 1.05 11.89
N PHE A 802 18.50 2.13 12.46
CA PHE A 802 18.79 3.45 11.95
C PHE A 802 20.25 3.81 12.14
N GLU A 803 20.82 3.50 13.30
CA GLU A 803 22.24 3.75 13.49
C GLU A 803 23.13 2.74 12.78
N SER A 804 22.57 1.71 12.15
CA SER A 804 23.35 0.82 11.30
C SER A 804 23.15 1.10 9.81
N ILE A 805 22.24 1.98 9.45
CA ILE A 805 22.05 2.36 8.04
C ILE A 805 22.72 3.70 7.77
N LEU A 806 22.75 4.58 8.77
CA LEU A 806 23.54 5.80 8.62
C LEU A 806 25.02 5.52 8.43
N LYS A 807 25.48 4.33 8.79
CA LYS A 807 26.88 3.96 8.65
C LYS A 807 27.11 2.96 7.53
N ALA A 808 26.08 2.60 6.78
CA ALA A 808 26.27 1.72 5.65
C ALA A 808 26.86 2.49 4.48
N PRO A 809 27.76 1.88 3.72
CA PRO A 809 28.36 2.59 2.58
C PRO A 809 27.35 2.81 1.46
N VAL A 810 27.63 3.82 0.64
CA VAL A 810 26.73 4.18 -0.44
C VAL A 810 26.50 3.04 -1.41
N LEU A 811 27.39 2.04 -1.42
CA LEU A 811 27.18 0.87 -2.26
C LEU A 811 25.87 0.15 -1.89
N PHE A 812 25.59 0.05 -0.60
CA PHE A 812 24.33 -0.54 -0.15
C PHE A 812 23.14 0.26 -0.66
N PHE A 813 23.22 1.59 -0.60
CA PHE A 813 22.13 2.42 -1.08
C PHE A 813 22.00 2.31 -2.60
N ASP A 814 23.08 1.97 -3.30
CA ASP A 814 22.98 1.74 -4.73
C ASP A 814 22.30 0.40 -5.02
N ARG A 815 22.62 -0.64 -4.24
CA ARG A 815 21.98 -1.93 -4.45
C ARG A 815 20.50 -1.89 -4.12
N ASN A 816 20.12 -1.21 -3.05
CA ASN A 816 18.71 -1.29 -2.72
C ASN A 816 18.00 0.01 -3.06
N PRO A 817 16.81 -0.08 -3.66
CA PRO A 817 16.07 1.13 -4.00
C PRO A 817 15.58 1.85 -2.76
N ILE A 818 15.04 3.05 -2.98
CA ILE A 818 14.52 3.86 -1.88
C ILE A 818 13.25 3.22 -1.31
N GLY A 819 12.42 2.68 -2.18
CA GLY A 819 11.14 2.14 -1.74
C GLY A 819 11.29 1.00 -0.75
N ARG A 820 12.26 0.11 -1.02
CA ARG A 820 12.51 -1.06 -0.14
C ARG A 820 13.12 -0.58 1.19
N ILE A 821 13.91 0.50 1.15
CA ILE A 821 14.58 1.04 2.35
C ILE A 821 13.67 2.07 3.02
N LEU A 822 12.71 2.61 2.26
CA LEU A 822 11.75 3.62 2.80
C LEU A 822 10.43 2.91 3.14
N ASN A 823 10.46 1.59 3.28
CA ASN A 823 9.25 0.79 3.61
C ASN A 823 9.55 -0.12 4.80
N ARG A 824 10.83 -0.37 5.10
CA ARG A 824 11.18 -1.25 6.23
C ARG A 824 11.35 -0.37 7.48
N PHE A 825 10.92 0.89 7.38
CA PHE A 825 11.01 1.85 8.50
C PHE A 825 9.65 2.52 8.68
N SER A 826 8.68 2.16 7.82
CA SER A 826 7.34 2.76 7.92
C SER A 826 6.38 1.61 7.98
N LYS A 827 6.53 0.62 7.09
CA LYS A 827 5.62 -0.55 7.05
C LYS A 827 6.06 -1.57 8.10
N ASP A 828 7.31 -2.04 8.00
CA ASP A 828 7.89 -3.06 8.92
C ASP A 828 7.93 -2.52 10.35
N ILE A 829 8.44 -1.30 10.52
CA ILE A 829 8.52 -0.67 11.88
C ILE A 829 7.11 -0.53 12.44
N GLY A 830 6.15 -0.11 11.61
CA GLY A 830 4.75 0.05 12.02
C GLY A 830 4.10 -1.27 12.37
N HIS A 831 4.61 -2.39 11.84
CA HIS A 831 3.99 -3.71 12.15
C HIS A 831 4.41 -4.17 13.54
N LEU A 832 5.63 -3.82 13.97
CA LEU A 832 6.14 -4.21 15.31
C LEU A 832 5.92 -3.04 16.29
N ASP A 833 5.25 -1.98 15.83
CA ASP A 833 4.99 -0.79 16.68
C ASP A 833 3.68 -1.01 17.46
N ASP A 834 2.55 -1.13 16.76
CA ASP A 834 1.24 -1.30 17.43
C ASP A 834 0.43 -2.42 16.77
N LEU A 835 1.11 -3.44 16.24
CA LEU A 835 0.42 -4.61 15.60
C LEU A 835 0.95 -5.88 16.26
N LEU A 836 2.28 -6.07 16.18
CA LEU A 836 3.01 -7.21 16.80
C LEU A 836 2.85 -7.51 18.30
N PRO A 837 2.70 -6.48 19.16
CA PRO A 837 2.55 -6.69 20.61
C PRO A 837 1.09 -6.95 21.01
N LEU A 838 0.17 -6.92 20.04
CA LEU A 838 -1.26 -7.15 20.32
C LEU A 838 -1.63 -8.60 20.00
N THR A 839 -1.36 -9.04 18.77
CA THR A 839 -1.64 -10.44 18.35
C THR A 839 -0.72 -11.38 19.11
N PHE A 840 0.27 -10.82 19.83
CA PHE A 840 1.23 -11.62 20.62
C PHE A 840 0.84 -11.58 22.10
N LEU A 841 -0.09 -10.69 22.47
CA LEU A 841 -0.49 -10.64 23.88
C LEU A 841 -1.85 -11.27 23.87
N ASP A 842 -2.56 -11.25 22.76
CA ASP A 842 -3.81 -11.98 22.59
C ASP A 842 -3.55 -13.47 22.40
N PHE A 843 -2.54 -13.82 21.62
CA PHE A 843 -2.22 -15.23 21.41
C PHE A 843 -1.82 -15.91 22.71
N ILE A 844 -1.00 -15.24 23.51
CA ILE A 844 -0.60 -15.80 24.80
C ILE A 844 -1.81 -15.93 25.71
N GLN A 845 -2.66 -14.92 25.74
CA GLN A 845 -3.85 -14.97 26.60
C GLN A 845 -4.72 -16.17 26.28
N THR A 846 -5.07 -16.34 25.00
CA THR A 846 -5.96 -17.45 24.67
C THR A 846 -5.24 -18.81 24.71
N LEU A 847 -3.93 -18.85 24.44
CA LEU A 847 -3.21 -20.10 24.59
C LEU A 847 -3.19 -20.56 26.04
N LEU A 848 -2.93 -19.65 26.96
CA LEU A 848 -2.97 -20.03 28.37
C LEU A 848 -4.37 -20.34 28.85
N GLN A 849 -5.41 -19.72 28.28
CA GLN A 849 -6.75 -20.15 28.67
C GLN A 849 -7.09 -21.55 28.15
N VAL A 850 -6.66 -21.88 26.93
CA VAL A 850 -6.87 -23.24 26.41
C VAL A 850 -6.12 -24.24 27.27
N VAL A 851 -4.87 -23.92 27.62
CA VAL A 851 -4.08 -24.80 28.47
C VAL A 851 -4.73 -24.94 29.85
N GLY A 852 -5.31 -23.87 30.38
CA GLY A 852 -6.02 -23.98 31.64
C GLY A 852 -7.21 -24.91 31.55
N VAL A 853 -7.98 -24.81 30.46
CA VAL A 853 -9.14 -25.69 30.28
C VAL A 853 -8.69 -27.15 30.21
N VAL A 854 -7.65 -27.42 29.41
CA VAL A 854 -7.17 -28.78 29.25
C VAL A 854 -6.62 -29.32 30.57
N SER A 855 -5.89 -28.47 31.31
CA SER A 855 -5.32 -28.92 32.57
C SER A 855 -6.37 -29.17 33.63
N VAL A 856 -7.47 -28.39 33.63
CA VAL A 856 -8.57 -28.70 34.54
C VAL A 856 -9.21 -30.02 34.17
N ALA A 857 -9.45 -30.24 32.88
CA ALA A 857 -10.10 -31.48 32.46
C ALA A 857 -9.19 -32.69 32.70
N VAL A 858 -7.88 -32.46 32.79
CA VAL A 858 -6.97 -33.57 33.08
C VAL A 858 -6.81 -33.76 34.58
N ALA A 859 -6.88 -32.69 35.36
CA ALA A 859 -6.76 -32.83 36.81
C ALA A 859 -8.01 -33.42 37.43
N VAL A 860 -9.17 -33.23 36.78
CA VAL A 860 -10.39 -33.85 37.29
C VAL A 860 -10.47 -35.32 36.88
N ILE A 861 -10.19 -35.60 35.61
CA ILE A 861 -10.22 -36.97 35.09
C ILE A 861 -8.86 -37.30 34.48
N PRO A 862 -7.90 -37.82 35.26
CA PRO A 862 -6.56 -38.05 34.72
C PRO A 862 -6.52 -38.92 33.47
N TRP A 863 -7.46 -39.85 33.32
CA TRP A 863 -7.45 -40.74 32.16
C TRP A 863 -7.61 -39.98 30.86
N ILE A 864 -8.11 -38.74 30.90
CA ILE A 864 -8.23 -37.93 29.70
C ILE A 864 -6.88 -37.74 29.04
N ALA A 865 -5.78 -37.86 29.80
CA ALA A 865 -4.46 -37.72 29.22
C ALA A 865 -4.17 -38.77 28.15
N ILE A 866 -4.88 -39.90 28.16
CA ILE A 866 -4.63 -40.93 27.16
C ILE A 866 -5.25 -40.54 25.82
N PRO A 867 -6.55 -40.27 25.71
CA PRO A 867 -7.10 -39.86 24.40
C PRO A 867 -6.61 -38.51 23.93
N LEU A 868 -6.14 -37.64 24.83
CA LEU A 868 -5.78 -36.29 24.45
C LEU A 868 -4.44 -36.22 23.74
N VAL A 869 -3.67 -37.30 23.73
CA VAL A 869 -2.42 -37.33 22.97
C VAL A 869 -2.74 -37.55 21.49
N PRO A 870 -3.68 -38.45 21.13
CA PRO A 870 -4.14 -38.48 19.74
C PRO A 870 -5.00 -37.30 19.33
N LEU A 871 -5.20 -36.32 20.21
CA LEU A 871 -5.82 -35.05 19.82
C LEU A 871 -4.84 -33.89 19.86
N GLY A 872 -3.59 -34.14 20.27
CA GLY A 872 -2.54 -33.17 20.05
C GLY A 872 -1.83 -33.47 18.76
N ILE A 873 -1.34 -34.70 18.64
CA ILE A 873 -0.53 -35.08 17.48
C ILE A 873 -1.30 -34.82 16.20
N ILE A 874 -2.54 -35.32 16.13
CA ILE A 874 -3.38 -35.08 14.95
C ILE A 874 -3.45 -33.58 14.67
N PHE A 875 -3.76 -32.80 15.71
CA PHE A 875 -3.84 -31.36 15.54
C PHE A 875 -2.58 -30.82 14.89
N ILE A 876 -1.41 -31.21 15.42
CA ILE A 876 -0.17 -30.69 14.87
C ILE A 876 -0.10 -30.97 13.38
N PHE A 877 -0.36 -32.23 13.00
CA PHE A 877 -0.30 -32.57 11.58
C PHE A 877 -1.32 -31.77 10.80
N LEU A 878 -2.53 -31.63 11.36
CA LEU A 878 -3.55 -30.79 10.73
C LEU A 878 -3.00 -29.41 10.45
N ARG A 879 -2.37 -28.79 11.46
CA ARG A 879 -1.96 -27.40 11.29
C ARG A 879 -0.87 -27.25 10.23
N ARG A 880 -0.21 -28.35 9.86
CA ARG A 880 0.66 -28.30 8.70
C ARG A 880 -0.14 -28.47 7.41
N TYR A 881 -0.98 -29.51 7.36
CA TYR A 881 -1.69 -29.85 6.13
C TYR A 881 -2.52 -28.69 5.63
N PHE A 882 -2.95 -27.81 6.53
CA PHE A 882 -3.71 -26.63 6.12
C PHE A 882 -2.79 -25.48 5.75
N LEU A 883 -1.75 -25.25 6.55
CA LEU A 883 -0.91 -24.09 6.34
C LEU A 883 -0.01 -24.22 5.12
N GLU A 884 0.04 -25.39 4.49
CA GLU A 884 0.73 -25.53 3.22
C GLU A 884 -0.17 -25.26 2.03
N THR A 885 -1.44 -24.94 2.27
CA THR A 885 -2.37 -24.58 1.22
C THR A 885 -3.02 -23.23 1.47
N SER A 886 -3.34 -22.89 2.71
CA SER A 886 -3.84 -21.55 3.01
C SER A 886 -2.85 -20.49 2.56
N ARG A 887 -1.57 -20.65 2.90
CA ARG A 887 -0.55 -19.71 2.43
C ARG A 887 -0.32 -19.79 0.93
N ASP A 888 -0.85 -20.82 0.27
CA ASP A 888 -0.83 -20.93 -1.18
C ASP A 888 -2.13 -20.44 -1.82
N VAL A 889 -3.09 -19.98 -1.02
CA VAL A 889 -4.34 -19.45 -1.55
C VAL A 889 -4.68 -18.08 -0.99
N LYS A 890 -3.93 -17.59 0.00
CA LYS A 890 -4.08 -16.22 0.46
C LYS A 890 -3.12 -15.29 -0.25
N ARG A 891 -2.39 -15.79 -1.25
CA ARG A 891 -1.68 -14.95 -2.19
C ARG A 891 -2.36 -14.92 -3.55
N LEU A 892 -3.16 -15.94 -3.87
CA LEU A 892 -3.93 -15.92 -5.11
C LEU A 892 -5.02 -14.84 -5.07
N GLU A 893 -5.72 -14.74 -3.94
CA GLU A 893 -6.74 -13.71 -3.80
C GLU A 893 -6.14 -12.33 -3.60
N SER A 894 -4.82 -12.21 -3.69
CA SER A 894 -4.13 -10.93 -3.72
C SER A 894 -3.49 -10.66 -5.08
N THR A 895 -2.93 -11.69 -5.72
CA THR A 895 -2.30 -11.49 -7.02
C THR A 895 -3.33 -11.54 -8.15
N THR A 896 -4.57 -11.90 -7.85
CA THR A 896 -5.64 -11.79 -8.83
C THR A 896 -6.67 -10.73 -8.45
N ARG A 897 -6.38 -9.91 -7.43
CA ARG A 897 -7.26 -8.79 -7.12
C ARG A 897 -6.81 -7.52 -7.84
N SER A 898 -5.50 -7.28 -7.89
CA SER A 898 -4.99 -6.08 -8.54
C SER A 898 -5.43 -5.93 -10.00
N PRO A 899 -5.59 -7.00 -10.81
CA PRO A 899 -6.07 -6.79 -12.18
C PRO A 899 -7.40 -6.04 -12.28
N VAL A 900 -8.29 -6.17 -11.30
CA VAL A 900 -9.55 -5.45 -11.33
C VAL A 900 -9.29 -3.94 -11.27
N PHE A 901 -8.50 -3.51 -10.29
CA PHE A 901 -8.18 -2.10 -10.16
C PHE A 901 -7.40 -1.61 -11.37
N SER A 902 -6.50 -2.45 -11.88
CA SER A 902 -5.72 -2.07 -13.05
C SER A 902 -6.60 -1.84 -14.27
N HIS A 903 -7.57 -2.74 -14.50
CA HIS A 903 -8.45 -2.56 -15.64
C HIS A 903 -9.36 -1.36 -15.45
N LEU A 904 -9.86 -1.14 -14.24
CA LEU A 904 -10.67 0.05 -13.99
C LEU A 904 -9.88 1.32 -14.27
N SER A 905 -8.62 1.37 -13.82
CA SER A 905 -7.79 2.54 -14.09
C SER A 905 -7.54 2.72 -15.58
N SER A 906 -7.16 1.64 -16.26
CA SER A 906 -6.84 1.74 -17.68
C SER A 906 -8.07 2.02 -18.55
N SER A 907 -9.27 1.78 -18.02
CA SER A 907 -10.48 2.04 -18.81
C SER A 907 -11.04 3.43 -18.62
N LEU A 908 -10.62 4.16 -17.57
CA LEU A 908 -11.07 5.53 -17.39
C LEU A 908 -10.16 6.54 -18.07
N GLN A 909 -8.86 6.25 -18.16
CA GLN A 909 -7.95 7.19 -18.81
C GLN A 909 -8.13 7.18 -20.32
N GLY A 910 -8.50 6.03 -20.88
CA GLY A 910 -8.80 5.93 -22.30
C GLY A 910 -10.29 5.89 -22.54
N LEU A 911 -11.06 6.46 -21.62
CA LEU A 911 -12.50 6.31 -21.63
C LEU A 911 -13.12 6.88 -22.91
N TRP A 912 -12.63 8.04 -23.36
CA TRP A 912 -13.12 8.60 -24.62
C TRP A 912 -12.83 7.64 -25.78
N THR A 913 -11.66 7.01 -25.78
CA THR A 913 -11.37 6.04 -26.83
C THR A 913 -12.35 4.87 -26.78
N ILE A 914 -12.65 4.38 -25.58
CA ILE A 914 -13.56 3.24 -25.45
C ILE A 914 -14.95 3.62 -25.95
N ARG A 915 -15.47 4.76 -25.51
CA ARG A 915 -16.82 5.15 -25.87
C ARG A 915 -16.94 5.66 -27.30
N ALA A 916 -15.83 6.07 -27.93
CA ALA A 916 -15.89 6.45 -29.33
C ALA A 916 -16.31 5.28 -30.20
N TYR A 917 -15.66 4.13 -30.02
CA TYR A 917 -16.17 2.89 -30.57
C TYR A 917 -17.46 2.51 -29.85
N LYS A 918 -18.40 1.96 -30.62
CA LYS A 918 -19.65 1.53 -30.00
C LYS A 918 -19.46 0.36 -29.04
N ALA A 919 -18.29 -0.30 -29.06
CA ALA A 919 -18.04 -1.46 -28.22
C ALA A 919 -17.61 -1.01 -26.82
N GLU A 920 -18.58 -0.45 -26.09
CA GLU A 920 -18.40 -0.26 -24.66
C GLU A 920 -18.87 -1.45 -23.86
N GLU A 921 -19.92 -2.14 -24.34
CA GLU A 921 -20.41 -3.35 -23.70
C GLU A 921 -19.38 -4.46 -23.68
N ARG A 922 -18.40 -4.45 -24.57
CA ARG A 922 -17.37 -5.48 -24.60
C ARG A 922 -16.35 -5.33 -23.49
N CYS A 923 -16.07 -4.10 -23.05
CA CYS A 923 -15.22 -3.92 -21.90
C CYS A 923 -15.88 -4.38 -20.61
N GLN A 924 -17.22 -4.44 -20.60
CA GLN A 924 -17.93 -5.02 -19.46
C GLN A 924 -17.59 -6.51 -19.31
N GLU A 925 -17.51 -7.23 -20.43
CA GLU A 925 -17.14 -8.64 -20.36
C GLU A 925 -15.70 -8.82 -19.90
N LEU A 926 -14.80 -7.92 -20.29
CA LEU A 926 -13.44 -8.00 -19.78
C LEU A 926 -13.40 -7.71 -18.29
N PHE A 927 -14.19 -6.76 -17.81
CA PHE A 927 -14.26 -6.53 -16.37
C PHE A 927 -14.78 -7.76 -15.64
N ASP A 928 -15.81 -8.40 -16.18
CA ASP A 928 -16.33 -9.61 -15.55
C ASP A 928 -15.28 -10.72 -15.53
N ALA A 929 -14.59 -10.91 -16.65
CA ALA A 929 -13.54 -11.93 -16.70
C ALA A 929 -12.37 -11.60 -15.78
N HIS A 930 -12.19 -10.33 -15.43
CA HIS A 930 -11.24 -9.97 -14.39
C HIS A 930 -11.84 -10.02 -12.99
N GLN A 931 -13.16 -10.14 -12.89
CA GLN A 931 -13.84 -10.24 -11.61
C GLN A 931 -14.30 -11.66 -11.31
N ASP A 932 -14.46 -12.49 -12.33
CA ASP A 932 -14.62 -13.93 -12.15
C ASP A 932 -13.30 -14.64 -11.98
N LEU A 933 -12.25 -13.88 -11.67
CA LEU A 933 -10.94 -14.42 -11.33
C LEU A 933 -10.50 -14.02 -9.93
N HIS A 934 -11.13 -13.02 -9.33
CA HIS A 934 -10.98 -12.74 -7.91
C HIS A 934 -12.13 -13.28 -7.09
N SER A 935 -13.33 -13.38 -7.66
CA SER A 935 -14.42 -14.08 -7.02
C SER A 935 -14.30 -15.58 -7.18
N GLU A 936 -13.14 -16.04 -7.65
CA GLU A 936 -12.80 -17.44 -7.76
C GLU A 936 -11.63 -17.81 -6.85
N ALA A 937 -10.92 -16.80 -6.33
CA ALA A 937 -9.95 -16.99 -5.25
C ALA A 937 -10.48 -16.56 -3.90
N TRP A 938 -11.56 -15.78 -3.88
CA TRP A 938 -12.27 -15.55 -2.62
C TRP A 938 -13.10 -16.79 -2.27
N PHE A 939 -13.51 -17.54 -3.28
CA PHE A 939 -14.15 -18.83 -3.06
C PHE A 939 -13.24 -19.78 -2.29
N LEU A 940 -12.01 -19.97 -2.78
CA LEU A 940 -11.12 -20.90 -2.11
C LEU A 940 -10.69 -20.38 -0.75
N PHE A 941 -10.53 -19.06 -0.60
CA PHE A 941 -10.22 -18.50 0.70
C PHE A 941 -11.38 -18.60 1.67
N LEU A 942 -12.61 -18.72 1.17
CA LEU A 942 -13.74 -18.90 2.07
C LEU A 942 -14.01 -20.36 2.40
N THR A 943 -13.58 -21.28 1.54
CA THR A 943 -13.84 -22.69 1.82
C THR A 943 -12.67 -23.44 2.44
N THR A 944 -11.43 -23.02 2.22
CA THR A 944 -10.31 -23.71 2.87
C THR A 944 -10.27 -23.39 4.35
N SER A 945 -10.56 -22.15 4.72
CA SER A 945 -10.63 -21.81 6.13
C SER A 945 -11.74 -22.59 6.82
N ARG A 946 -12.83 -22.87 6.10
CA ARG A 946 -13.90 -23.66 6.70
C ARG A 946 -13.52 -25.13 6.78
N TRP A 947 -12.81 -25.65 5.77
CA TRP A 947 -12.31 -27.01 5.89
C TRP A 947 -11.37 -27.15 7.08
N PHE A 948 -10.67 -26.08 7.46
CA PHE A 948 -9.85 -26.15 8.66
C PHE A 948 -10.69 -26.03 9.93
N ALA A 949 -11.69 -25.14 9.93
CA ALA A 949 -12.48 -24.92 11.12
C ALA A 949 -13.38 -26.11 11.45
N VAL A 950 -13.88 -26.82 10.43
CA VAL A 950 -14.69 -28.00 10.69
C VAL A 950 -13.89 -29.03 11.47
N ARG A 951 -12.65 -29.28 11.05
CA ARG A 951 -11.85 -30.27 11.74
C ARG A 951 -11.39 -29.78 13.11
N LEU A 952 -11.09 -28.48 13.25
CA LEU A 952 -10.76 -27.99 14.59
C LEU A 952 -11.94 -28.12 15.54
N ASP A 953 -13.15 -27.87 15.06
CA ASP A 953 -14.31 -28.05 15.92
C ASP A 953 -14.68 -29.52 16.10
N ALA A 954 -14.26 -30.38 15.19
CA ALA A 954 -14.37 -31.82 15.43
C ALA A 954 -13.47 -32.25 16.57
N ILE A 955 -12.25 -31.71 16.61
CA ILE A 955 -11.34 -32.02 17.71
C ILE A 955 -11.88 -31.49 19.03
N CYS A 956 -12.34 -30.23 19.03
CA CYS A 956 -12.89 -29.65 20.25
C CYS A 956 -14.17 -30.37 20.68
N ALA A 957 -14.96 -30.85 19.73
CA ALA A 957 -16.19 -31.56 20.08
C ALA A 957 -15.87 -32.96 20.60
N MET A 958 -14.84 -33.60 20.06
CA MET A 958 -14.39 -34.85 20.64
C MET A 958 -13.93 -34.63 22.08
N PHE A 959 -13.23 -33.53 22.33
CA PHE A 959 -12.79 -33.22 23.69
C PHE A 959 -13.98 -33.04 24.62
N VAL A 960 -14.98 -32.24 24.20
CA VAL A 960 -16.10 -31.98 25.10
C VAL A 960 -16.95 -33.24 25.27
N ILE A 961 -17.06 -34.07 24.24
CA ILE A 961 -17.81 -35.33 24.35
C ILE A 961 -17.13 -36.25 25.34
N ILE A 962 -15.79 -36.37 25.26
CA ILE A 962 -15.06 -37.22 26.19
C ILE A 962 -15.18 -36.68 27.61
N VAL A 963 -15.10 -35.37 27.79
CA VAL A 963 -15.26 -34.77 29.12
C VAL A 963 -16.65 -35.01 29.68
N ALA A 964 -17.70 -34.89 28.86
CA ALA A 964 -19.06 -35.08 29.31
C ALA A 964 -19.44 -36.53 29.59
N PHE A 965 -18.97 -37.47 28.78
CA PHE A 965 -19.29 -38.88 28.98
C PHE A 965 -18.33 -39.60 29.92
N GLY A 966 -17.01 -39.50 29.69
CA GLY A 966 -16.05 -40.09 30.58
C GLY A 966 -16.12 -39.58 32.00
N SER A 967 -16.87 -38.52 32.24
CA SER A 967 -17.18 -38.10 33.61
C SER A 967 -18.33 -38.88 34.21
N LEU A 968 -19.02 -39.69 33.41
CA LEU A 968 -20.13 -40.50 33.87
C LEU A 968 -19.78 -41.97 34.03
N ILE A 969 -18.94 -42.50 33.15
CA ILE A 969 -18.47 -43.87 33.26
C ILE A 969 -17.54 -43.97 34.47
N LEU A 970 -17.16 -42.82 35.03
CA LEU A 970 -16.33 -42.74 36.22
C LEU A 970 -17.05 -41.97 37.33
N ALA A 971 -18.38 -42.05 37.35
CA ALA A 971 -19.18 -41.26 38.28
C ALA A 971 -18.91 -41.63 39.74
N LYS A 972 -18.34 -42.80 40.00
CA LYS A 972 -18.15 -43.26 41.37
C LYS A 972 -17.13 -42.41 42.14
N THR A 973 -16.21 -41.76 41.44
CA THR A 973 -15.14 -41.02 42.11
C THR A 973 -15.32 -39.51 42.10
N LEU A 974 -15.84 -38.95 41.00
CA LEU A 974 -15.99 -37.50 40.91
C LEU A 974 -17.12 -37.02 41.81
N ASP A 975 -17.30 -35.70 41.84
CA ASP A 975 -18.36 -35.07 42.61
C ASP A 975 -18.95 -33.92 41.80
N ALA A 976 -19.95 -33.26 42.37
CA ALA A 976 -20.68 -32.23 41.65
C ALA A 976 -19.76 -31.08 41.26
N GLY A 977 -18.93 -30.61 42.18
CA GLY A 977 -18.07 -29.48 41.88
C GLY A 977 -17.04 -29.78 40.81
N GLN A 978 -16.37 -30.92 40.94
CA GLN A 978 -15.34 -31.28 39.96
C GLN A 978 -15.93 -31.46 38.57
N VAL A 979 -17.10 -32.11 38.50
CA VAL A 979 -17.75 -32.33 37.22
C VAL A 979 -18.18 -31.00 36.61
N GLY A 980 -18.77 -30.13 37.43
CA GLY A 980 -19.17 -28.82 36.94
C GLY A 980 -17.98 -28.05 36.38
N LEU A 981 -16.88 -28.02 37.12
CA LEU A 981 -15.70 -27.29 36.66
C LEU A 981 -15.19 -27.84 35.35
N ALA A 982 -14.95 -29.16 35.30
CA ALA A 982 -14.37 -29.76 34.10
C ALA A 982 -15.28 -29.56 32.90
N LEU A 983 -16.58 -29.79 33.06
CA LEU A 983 -17.47 -29.78 31.90
C LEU A 983 -17.75 -28.37 31.44
N SER A 984 -17.87 -27.41 32.37
CA SER A 984 -18.07 -26.03 31.93
C SER A 984 -16.84 -25.48 31.22
N TYR A 985 -15.64 -25.84 31.69
CA TYR A 985 -14.44 -25.39 30.98
C TYR A 985 -14.35 -26.04 29.62
N ALA A 986 -14.69 -27.33 29.52
CA ALA A 986 -14.72 -27.98 28.20
C ALA A 986 -15.75 -27.31 27.29
N LEU A 987 -16.84 -26.82 27.85
CA LEU A 987 -17.82 -26.11 27.03
C LEU A 987 -17.27 -24.78 26.53
N THR A 988 -16.53 -24.06 27.37
CA THR A 988 -15.96 -22.78 26.92
C THR A 988 -14.75 -22.95 26.01
N LEU A 989 -14.20 -24.17 25.89
CA LEU A 989 -13.10 -24.39 24.95
C LEU A 989 -13.47 -24.01 23.51
N MET A 990 -14.76 -24.09 23.17
CA MET A 990 -15.20 -23.83 21.82
C MET A 990 -15.01 -22.36 21.45
N GLY A 991 -14.56 -22.13 20.23
CA GLY A 991 -14.30 -20.75 19.79
C GLY A 991 -13.00 -20.21 20.31
N MET A 992 -12.74 -20.43 21.61
CA MET A 992 -11.46 -20.05 22.19
C MET A 992 -10.32 -20.78 21.52
N PHE A 993 -10.50 -22.08 21.25
CA PHE A 993 -9.46 -22.84 20.57
C PHE A 993 -9.21 -22.31 19.17
N GLN A 994 -10.28 -21.95 18.45
CA GLN A 994 -10.13 -21.39 17.11
C GLN A 994 -9.42 -20.06 17.14
N TRP A 995 -9.76 -19.20 18.12
CA TRP A 995 -9.10 -17.90 18.19
C TRP A 995 -7.61 -18.07 18.52
N CYS A 996 -7.28 -19.03 19.39
CA CYS A 996 -5.88 -19.32 19.66
C CYS A 996 -5.15 -19.71 18.39
N VAL A 997 -5.75 -20.60 17.60
CA VAL A 997 -5.09 -21.03 16.36
C VAL A 997 -4.94 -19.85 15.39
N ARG A 998 -5.98 -19.01 15.28
CA ARG A 998 -5.93 -17.88 14.37
C ARG A 998 -4.82 -16.90 14.75
N GLN A 999 -4.69 -16.59 16.03
CA GLN A 999 -3.61 -15.71 16.43
C GLN A 999 -2.24 -16.36 16.29
N SER A 1000 -2.15 -17.68 16.43
CA SER A 1000 -0.87 -18.32 16.14
C SER A 1000 -0.48 -18.11 14.68
N ALA A 1001 -1.45 -18.29 13.78
CA ALA A 1001 -1.19 -18.06 12.36
C ALA A 1001 -0.81 -16.61 12.10
N GLU A 1002 -1.50 -15.67 12.74
CA GLU A 1002 -1.21 -14.26 12.50
C GLU A 1002 0.16 -13.86 13.04
N VAL A 1003 0.59 -14.43 14.17
CA VAL A 1003 1.93 -14.16 14.68
C VAL A 1003 2.98 -14.70 13.73
N GLU A 1004 2.82 -15.95 13.28
CA GLU A 1004 3.78 -16.47 12.31
C GLU A 1004 3.74 -15.71 11.00
N ASN A 1005 2.64 -15.01 10.71
CA ASN A 1005 2.59 -14.16 9.53
C ASN A 1005 3.32 -12.84 9.75
N MET A 1006 3.22 -12.25 10.94
CA MET A 1006 3.78 -10.94 11.20
C MET A 1006 5.17 -10.97 11.82
N MET A 1007 5.77 -12.14 11.98
CA MET A 1007 7.19 -12.13 12.35
C MET A 1007 8.11 -11.92 11.17
N ILE A 1008 7.59 -11.87 9.94
CA ILE A 1008 8.43 -11.53 8.81
C ILE A 1008 8.92 -10.09 8.93
N SER A 1009 8.11 -9.21 9.51
CA SER A 1009 8.56 -7.85 9.80
C SER A 1009 9.78 -7.85 10.72
N VAL A 1010 9.73 -8.66 11.78
CA VAL A 1010 10.88 -8.75 12.68
C VAL A 1010 12.08 -9.33 11.95
N GLU A 1011 11.85 -10.31 11.06
CA GLU A 1011 12.96 -10.87 10.31
C GLU A 1011 13.63 -9.82 9.43
N ARG A 1012 12.84 -8.96 8.79
CA ARG A 1012 13.43 -7.91 7.94
C ARG A 1012 14.15 -6.84 8.78
N VAL A 1013 13.55 -6.46 9.90
CA VAL A 1013 14.18 -5.48 10.78
C VAL A 1013 15.53 -6.00 11.27
N ILE A 1014 15.57 -7.28 11.67
CA ILE A 1014 16.83 -7.88 12.11
C ILE A 1014 17.76 -8.16 10.93
N GLU A 1015 17.25 -8.18 9.70
CA GLU A 1015 18.15 -8.26 8.55
C GLU A 1015 18.89 -6.95 8.34
N TYR A 1016 18.18 -5.81 8.48
CA TYR A 1016 18.88 -4.53 8.42
C TYR A 1016 19.70 -4.22 9.67
N THR A 1017 19.40 -4.82 10.81
CA THR A 1017 20.27 -4.44 11.93
C THR A 1017 21.66 -5.07 11.83
N ASP A 1018 21.97 -5.80 10.78
CA ASP A 1018 23.24 -6.50 10.61
C ASP A 1018 23.83 -6.22 9.24
N LEU A 1019 23.88 -4.95 8.85
CA LEU A 1019 24.37 -4.57 7.54
C LEU A 1019 25.87 -4.26 7.57
N GLU A 1020 26.40 -3.91 6.40
CA GLU A 1020 27.79 -3.50 6.29
C GLU A 1020 28.01 -2.19 7.03
N LYS A 1021 29.27 -1.90 7.33
CA LYS A 1021 29.65 -0.64 7.96
C LYS A 1021 30.93 -0.12 7.32
N GLU A 1022 30.93 1.17 7.02
CA GLU A 1022 32.11 1.84 6.51
C GLU A 1022 33.09 2.12 7.64
N ALA A 1023 34.26 2.64 7.27
CA ALA A 1023 35.28 2.94 8.26
C ALA A 1023 34.70 3.88 9.33
N PRO A 1024 35.09 3.73 10.59
CA PRO A 1024 34.45 4.51 11.65
C PRO A 1024 34.79 5.99 11.56
N TRP A 1025 33.86 6.81 12.05
CA TRP A 1025 33.95 8.25 11.87
C TRP A 1025 35.17 8.86 12.55
N GLU A 1026 35.74 8.17 13.54
CA GLU A 1026 36.89 8.68 14.27
C GLU A 1026 37.98 7.62 14.34
N TYR A 1027 39.23 8.08 14.33
CA TYR A 1027 40.39 7.24 14.51
C TYR A 1027 41.19 7.74 15.71
N GLN A 1028 42.17 6.93 16.12
CA GLN A 1028 43.05 7.34 17.20
C GLN A 1028 43.88 8.56 16.79
N LYS A 1029 44.39 8.57 15.57
CA LYS A 1029 45.27 9.64 15.09
C LYS A 1029 44.38 10.75 14.52
N ARG A 1030 44.04 11.70 15.39
CA ARG A 1030 43.31 12.88 14.95
C ARG A 1030 44.28 13.84 14.24
N PRO A 1031 43.78 14.64 13.30
CA PRO A 1031 44.66 15.50 12.54
C PRO A 1031 44.97 16.79 13.27
N PRO A 1032 46.05 17.48 12.92
CA PRO A 1032 46.33 18.79 13.50
C PRO A 1032 45.25 19.78 13.13
N PRO A 1033 44.90 20.71 14.03
CA PRO A 1033 43.82 21.66 13.73
C PRO A 1033 44.05 22.49 12.48
N ALA A 1034 45.30 22.89 12.22
CA ALA A 1034 45.60 23.70 11.05
C ALA A 1034 45.45 22.93 9.75
N TRP A 1035 45.51 21.59 9.80
CA TRP A 1035 45.44 20.80 8.59
C TRP A 1035 44.04 20.88 8.00
N PRO A 1036 43.91 21.03 6.67
CA PRO A 1036 45.02 21.18 5.72
C PRO A 1036 45.68 22.56 5.77
N HIS A 1037 47.00 22.57 5.81
CA HIS A 1037 47.73 23.84 5.89
C HIS A 1037 47.58 24.62 4.58
N GLU A 1038 47.82 23.96 3.45
CA GLU A 1038 47.76 24.60 2.15
C GLU A 1038 46.70 24.02 1.23
N GLY A 1039 46.69 22.71 1.04
CA GLY A 1039 45.76 22.09 0.11
C GLY A 1039 46.45 21.12 -0.84
N VAL A 1040 47.70 20.79 -0.56
CA VAL A 1040 48.46 19.86 -1.40
C VAL A 1040 47.76 18.51 -1.37
N ILE A 1041 47.32 18.05 -2.55
CA ILE A 1041 46.63 16.77 -2.66
C ILE A 1041 47.35 15.92 -3.70
N ILE A 1042 47.83 14.75 -3.28
CA ILE A 1042 48.66 13.91 -4.12
C ILE A 1042 47.95 12.58 -4.31
N PHE A 1043 47.61 12.26 -5.56
CA PHE A 1043 47.10 10.95 -5.93
C PHE A 1043 48.28 10.07 -6.32
N ASP A 1044 48.47 8.97 -5.60
CA ASP A 1044 49.59 8.05 -5.83
C ASP A 1044 49.05 6.67 -6.15
N ASN A 1045 49.04 6.33 -7.44
CA ASN A 1045 48.72 4.98 -7.91
C ASN A 1045 47.34 4.55 -7.40
N VAL A 1046 46.38 5.46 -7.52
CA VAL A 1046 45.03 5.22 -7.03
C VAL A 1046 44.31 4.29 -8.00
N ASN A 1047 43.91 3.12 -7.52
CA ASN A 1047 43.10 2.17 -8.28
C ASN A 1047 41.77 2.01 -7.55
N PHE A 1048 40.71 2.56 -8.13
CA PHE A 1048 39.43 2.67 -7.46
C PHE A 1048 38.35 1.92 -8.25
N MET A 1049 37.49 1.22 -7.51
CA MET A 1049 36.40 0.43 -8.09
C MET A 1049 35.11 0.75 -7.33
N TYR A 1050 34.01 0.83 -8.07
CA TYR A 1050 32.71 1.07 -7.43
C TYR A 1050 32.33 -0.09 -6.52
N SER A 1051 32.40 -1.31 -7.03
CA SER A 1051 32.04 -2.51 -6.28
C SER A 1051 33.14 -3.56 -6.45
N PRO A 1052 33.32 -4.42 -5.45
CA PRO A 1052 34.30 -5.49 -5.57
C PRO A 1052 33.99 -6.40 -6.76
N GLY A 1053 35.04 -6.78 -7.49
CA GLY A 1053 34.89 -7.59 -8.67
C GLY A 1053 34.36 -6.87 -9.89
N GLY A 1054 34.05 -5.58 -9.77
CA GLY A 1054 33.53 -4.82 -10.89
C GLY A 1054 34.63 -4.31 -11.81
N PRO A 1055 34.24 -3.48 -12.78
CA PRO A 1055 35.24 -2.91 -13.69
C PRO A 1055 36.12 -1.88 -12.98
N LEU A 1056 37.40 -1.89 -13.33
CA LEU A 1056 38.31 -0.85 -12.85
C LEU A 1056 37.85 0.51 -13.38
N VAL A 1057 37.80 1.50 -12.50
CA VAL A 1057 37.29 2.83 -12.84
C VAL A 1057 38.44 3.83 -12.96
N LEU A 1058 39.15 4.08 -11.87
CA LEU A 1058 40.38 4.86 -11.89
C LEU A 1058 41.55 3.90 -11.72
N LYS A 1059 42.54 4.02 -12.61
CA LYS A 1059 43.55 2.98 -12.77
C LYS A 1059 44.92 3.66 -12.82
N HIS A 1060 45.73 3.46 -11.78
CA HIS A 1060 47.02 4.12 -11.63
C HIS A 1060 46.90 5.64 -11.75
N LEU A 1061 45.97 6.21 -10.97
CA LEU A 1061 45.84 7.66 -10.90
C LEU A 1061 47.06 8.24 -10.19
N THR A 1062 47.91 8.95 -10.93
CA THR A 1062 49.12 9.55 -10.39
C THR A 1062 49.13 11.03 -10.76
N ALA A 1063 48.89 11.89 -9.77
CA ALA A 1063 48.80 13.32 -10.02
C ALA A 1063 49.17 14.09 -8.76
N LEU A 1064 49.50 15.37 -8.95
CA LEU A 1064 49.85 16.26 -7.87
C LEU A 1064 49.00 17.52 -7.98
N ILE A 1065 48.56 18.03 -6.84
CA ILE A 1065 47.73 19.23 -6.76
C ILE A 1065 48.38 20.18 -5.77
N LYS A 1066 48.98 21.25 -6.31
CA LYS A 1066 49.63 22.27 -5.50
C LYS A 1066 48.58 23.27 -5.02
N SER A 1067 48.83 23.84 -3.84
CA SER A 1067 47.84 24.67 -3.17
C SER A 1067 47.31 25.79 -4.08
N GLN A 1068 46.01 26.06 -3.95
CA GLN A 1068 45.31 27.18 -4.56
C GLN A 1068 45.10 27.07 -6.06
N GLU A 1069 45.61 26.02 -6.70
CA GLU A 1069 45.44 25.96 -8.15
C GLU A 1069 44.02 25.56 -8.51
N LYS A 1070 43.67 25.76 -9.78
CA LYS A 1070 42.37 25.40 -10.32
C LYS A 1070 42.57 24.34 -11.40
N VAL A 1071 42.06 23.14 -11.15
CA VAL A 1071 42.23 22.02 -12.07
C VAL A 1071 40.86 21.57 -12.56
N GLY A 1072 40.58 21.83 -13.84
CA GLY A 1072 39.41 21.26 -14.47
C GLY A 1072 39.63 19.80 -14.83
N ILE A 1073 38.53 19.14 -15.14
CA ILE A 1073 38.53 17.72 -15.50
C ILE A 1073 37.84 17.58 -16.85
N VAL A 1074 38.40 16.76 -17.73
CA VAL A 1074 37.74 16.46 -18.99
C VAL A 1074 37.70 14.94 -19.18
N GLY A 1075 36.72 14.49 -19.95
CA GLY A 1075 36.54 13.08 -20.20
C GLY A 1075 35.18 12.80 -20.78
N ARG A 1076 34.83 11.53 -20.81
CA ARG A 1076 33.53 11.09 -21.30
C ARG A 1076 32.58 10.84 -20.11
N THR A 1077 31.29 10.85 -20.41
CA THR A 1077 30.28 10.64 -19.38
C THR A 1077 30.41 9.24 -18.80
N GLY A 1078 30.79 9.17 -17.52
CA GLY A 1078 31.02 7.90 -16.86
C GLY A 1078 32.42 7.34 -17.02
N ALA A 1079 33.28 8.00 -17.80
CA ALA A 1079 34.65 7.55 -18.01
C ALA A 1079 35.55 7.77 -16.80
N GLY A 1080 35.00 8.19 -15.67
CA GLY A 1080 35.79 8.45 -14.49
C GLY A 1080 35.80 9.90 -14.03
N LYS A 1081 35.04 10.77 -14.68
CA LYS A 1081 34.98 12.17 -14.25
C LYS A 1081 34.36 12.30 -12.87
N SER A 1082 33.25 11.62 -12.63
CA SER A 1082 32.55 11.70 -11.36
C SER A 1082 33.01 10.67 -10.34
N SER A 1083 34.01 9.85 -10.69
CA SER A 1083 34.53 8.89 -9.74
C SER A 1083 35.67 9.44 -8.90
N LEU A 1084 36.28 10.55 -9.32
CA LEU A 1084 37.34 11.15 -8.52
C LEU A 1084 36.79 11.65 -7.19
N ILE A 1085 35.60 12.24 -7.20
CA ILE A 1085 34.97 12.65 -5.94
C ILE A 1085 34.57 11.42 -5.12
N SER A 1086 34.15 10.34 -5.79
CA SER A 1086 33.76 9.14 -5.05
C SER A 1086 34.95 8.51 -4.34
N ALA A 1087 36.13 8.58 -4.94
CA ALA A 1087 37.32 8.02 -4.33
C ALA A 1087 38.00 8.97 -3.36
N LEU A 1088 37.94 10.27 -3.63
CA LEU A 1088 38.60 11.25 -2.78
C LEU A 1088 37.89 11.44 -1.44
N PHE A 1089 36.58 11.20 -1.39
CA PHE A 1089 35.85 11.19 -0.14
C PHE A 1089 35.74 9.80 0.48
N ARG A 1090 36.39 8.80 -0.14
CA ARG A 1090 36.38 7.43 0.35
C ARG A 1090 34.96 6.88 0.50
N LEU A 1091 34.09 7.24 -0.45
CA LEU A 1091 32.76 6.62 -0.49
C LEU A 1091 32.86 5.13 -0.73
N SER A 1092 33.98 4.65 -1.27
CA SER A 1092 34.26 3.23 -1.41
C SER A 1092 35.78 3.11 -1.31
N GLU A 1093 36.26 2.58 -0.17
CA GLU A 1093 37.66 2.63 0.23
C GLU A 1093 38.58 2.31 -0.94
N PRO A 1094 39.33 3.29 -1.43
CA PRO A 1094 40.13 3.09 -2.64
C PRO A 1094 41.41 2.31 -2.39
N GLU A 1095 41.92 1.73 -3.46
CA GLU A 1095 43.24 1.12 -3.47
C GLU A 1095 44.23 2.11 -4.08
N GLY A 1096 45.34 2.34 -3.39
CA GLY A 1096 46.29 3.36 -3.74
C GLY A 1096 46.51 4.28 -2.56
N LYS A 1097 47.03 5.47 -2.83
CA LYS A 1097 47.28 6.44 -1.77
C LYS A 1097 46.79 7.81 -2.19
N ILE A 1098 46.28 8.57 -1.21
CA ILE A 1098 45.95 9.97 -1.40
C ILE A 1098 46.49 10.73 -0.20
N TRP A 1099 47.30 11.75 -0.47
CA TRP A 1099 47.95 12.53 0.57
C TRP A 1099 47.37 13.93 0.58
N ILE A 1100 46.75 14.31 1.69
CA ILE A 1100 46.26 15.67 1.90
C ILE A 1100 47.20 16.32 2.91
N ASP A 1101 48.10 17.16 2.42
CA ASP A 1101 49.15 17.77 3.23
C ASP A 1101 49.99 16.69 3.93
N LYS A 1102 50.47 15.74 3.12
CA LYS A 1102 51.34 14.65 3.58
C LYS A 1102 50.68 13.79 4.66
N ILE A 1103 49.38 13.58 4.54
CA ILE A 1103 48.64 12.69 5.43
C ILE A 1103 47.82 11.73 4.59
N LEU A 1104 47.94 10.44 4.87
CA LEU A 1104 47.20 9.43 4.12
C LEU A 1104 45.72 9.47 4.48
N THR A 1105 44.87 9.45 3.45
CA THR A 1105 43.43 9.54 3.68
C THR A 1105 42.88 8.32 4.41
N THR A 1106 43.31 7.13 4.01
CA THR A 1106 42.79 5.92 4.65
C THR A 1106 43.29 5.74 6.08
N GLU A 1107 44.18 6.60 6.55
CA GLU A 1107 44.71 6.54 7.90
C GLU A 1107 43.91 7.42 8.86
N ILE A 1108 42.92 8.15 8.36
CA ILE A 1108 42.07 9.00 9.18
C ILE A 1108 40.62 8.63 8.96
N GLY A 1109 39.82 8.76 10.03
CA GLY A 1109 38.40 8.50 9.92
C GLY A 1109 37.71 9.47 8.96
N LEU A 1110 36.44 9.14 8.67
CA LEU A 1110 35.73 9.85 7.61
C LEU A 1110 35.35 11.27 8.01
N HIS A 1111 34.83 11.44 9.23
CA HIS A 1111 34.41 12.78 9.64
C HIS A 1111 35.57 13.69 10.00
N ASP A 1112 36.79 13.20 9.96
CA ASP A 1112 37.95 14.09 10.00
C ASP A 1112 38.56 14.28 8.63
N LEU A 1113 37.97 13.68 7.60
CA LEU A 1113 38.38 13.86 6.21
C LEU A 1113 37.35 14.56 5.36
N ARG A 1114 36.06 14.39 5.66
CA ARG A 1114 35.00 15.01 4.88
C ARG A 1114 34.59 16.38 5.42
N LYS A 1115 34.80 16.62 6.72
CA LYS A 1115 34.49 17.93 7.27
C LYS A 1115 35.41 19.02 6.73
N LYS A 1116 36.57 18.65 6.18
CA LYS A 1116 37.56 19.62 5.74
C LYS A 1116 37.64 19.72 4.22
N MET A 1117 36.57 19.34 3.53
CA MET A 1117 36.51 19.46 2.07
C MET A 1117 35.09 19.85 1.69
N SER A 1118 34.96 21.00 1.04
CA SER A 1118 33.66 21.44 0.56
C SER A 1118 33.40 20.91 -0.84
N ILE A 1119 32.14 20.96 -1.25
CA ILE A 1119 31.73 20.40 -2.53
C ILE A 1119 30.46 21.09 -2.99
N ILE A 1120 30.28 21.16 -4.31
CA ILE A 1120 29.05 21.67 -4.92
C ILE A 1120 28.46 20.54 -5.74
N PRO A 1121 27.40 19.88 -5.27
CA PRO A 1121 26.90 18.68 -5.95
C PRO A 1121 26.23 19.01 -7.27
N GLN A 1122 25.92 17.94 -8.02
CA GLN A 1122 25.26 18.05 -9.31
C GLN A 1122 23.93 18.77 -9.18
N GLU A 1123 22.99 18.16 -8.45
CA GLU A 1123 21.68 18.76 -8.22
C GLU A 1123 21.59 19.19 -6.76
N PRO A 1124 21.65 20.48 -6.46
CA PRO A 1124 21.53 20.92 -5.07
C PRO A 1124 20.22 20.46 -4.45
N VAL A 1125 20.27 20.21 -3.15
CA VAL A 1125 19.10 19.83 -2.38
C VAL A 1125 19.07 20.65 -1.10
N LEU A 1126 17.88 21.12 -0.74
CA LEU A 1126 17.64 21.75 0.55
C LEU A 1126 16.82 20.81 1.42
N PHE A 1127 17.29 20.58 2.64
CA PHE A 1127 16.66 19.63 3.53
C PHE A 1127 15.57 20.34 4.33
N THR A 1128 14.40 19.72 4.43
CA THR A 1128 13.23 20.33 5.06
C THR A 1128 13.58 20.89 6.42
N GLY A 1129 13.44 22.20 6.56
CA GLY A 1129 13.79 22.86 7.80
C GLY A 1129 13.98 24.34 7.55
N THR A 1130 14.35 25.03 8.62
CA THR A 1130 14.61 26.45 8.54
C THR A 1130 15.87 26.71 7.72
N MET A 1131 15.91 27.87 7.06
CA MET A 1131 17.07 28.24 6.27
C MET A 1131 18.32 28.39 7.15
N ARG A 1132 18.14 28.53 8.46
CA ARG A 1132 19.28 28.48 9.37
C ARG A 1132 19.98 27.13 9.29
N LYS A 1133 19.23 26.06 9.06
CA LYS A 1133 19.78 24.70 9.08
C LYS A 1133 20.46 24.32 7.78
N ASN A 1134 19.87 24.65 6.63
CA ASN A 1134 20.47 24.29 5.35
C ASN A 1134 21.80 24.98 5.11
N LEU A 1135 22.21 25.88 5.99
CA LEU A 1135 23.54 26.49 5.95
C LEU A 1135 24.38 26.15 7.17
N ASP A 1136 23.80 26.16 8.36
CA ASP A 1136 24.52 25.86 9.60
C ASP A 1136 23.71 24.87 10.40
N PRO A 1137 23.67 23.60 9.96
CA PRO A 1137 22.90 22.60 10.71
C PRO A 1137 23.47 22.30 12.08
N PHE A 1138 24.76 22.58 12.32
CA PHE A 1138 25.39 22.31 13.60
C PHE A 1138 25.41 23.53 14.51
N ASN A 1139 24.79 24.64 14.11
CA ASN A 1139 24.78 25.87 14.90
C ASN A 1139 26.20 26.34 15.21
N GLU A 1140 27.09 26.18 14.23
CA GLU A 1140 28.50 26.55 14.38
C GLU A 1140 28.80 27.92 13.76
N HIS A 1141 27.78 28.67 13.39
CA HIS A 1141 27.95 29.99 12.80
C HIS A 1141 26.92 30.93 13.40
N THR A 1142 27.12 32.23 13.17
CA THR A 1142 26.31 33.28 13.76
C THR A 1142 25.59 34.08 12.68
N ASP A 1143 24.47 34.71 13.08
CA ASP A 1143 23.56 35.31 12.12
C ASP A 1143 24.26 36.30 11.20
N GLU A 1144 25.23 37.05 11.72
CA GLU A 1144 25.97 37.98 10.87
C GLU A 1144 26.75 37.23 9.80
N GLU A 1145 27.36 36.10 10.17
CA GLU A 1145 28.10 35.31 9.18
C GLU A 1145 27.19 34.77 8.10
N LEU A 1146 26.01 34.24 8.49
CA LEU A 1146 25.07 33.75 7.49
C LEU A 1146 24.59 34.87 6.58
N TRP A 1147 24.28 36.03 7.16
CA TRP A 1147 23.83 37.16 6.34
C TRP A 1147 24.91 37.60 5.37
N ASN A 1148 26.16 37.66 5.83
CA ASN A 1148 27.27 38.03 4.95
C ASN A 1148 27.45 37.01 3.83
N ALA A 1149 27.37 35.72 4.17
CA ALA A 1149 27.54 34.67 3.16
C ALA A 1149 26.44 34.77 2.10
N LEU A 1150 25.19 34.95 2.53
CA LEU A 1150 24.11 35.14 1.56
C LEU A 1150 24.29 36.41 0.76
N GLN A 1151 24.90 37.45 1.36
CA GLN A 1151 25.17 38.66 0.63
C GLN A 1151 26.22 38.44 -0.46
N GLU A 1152 27.22 37.60 -0.19
CA GLU A 1152 28.26 37.34 -1.18
C GLU A 1152 27.68 36.72 -2.44
N VAL A 1153 26.56 36.00 -2.32
CA VAL A 1153 25.92 35.40 -3.48
C VAL A 1153 24.74 36.29 -3.90
N GLN A 1154 24.64 37.47 -3.28
CA GLN A 1154 23.64 38.49 -3.58
C GLN A 1154 22.21 38.04 -3.33
N LEU A 1155 22.01 36.83 -2.81
CA LEU A 1155 20.68 36.32 -2.51
C LEU A 1155 20.21 36.74 -1.12
N LYS A 1156 21.03 37.54 -0.40
CA LYS A 1156 20.63 38.09 0.89
C LYS A 1156 19.29 38.82 0.80
N GLU A 1157 19.17 39.74 -0.17
CA GLU A 1157 17.93 40.48 -0.32
C GLU A 1157 16.78 39.56 -0.70
N THR A 1158 17.05 38.53 -1.52
CA THR A 1158 16.01 37.62 -1.97
C THR A 1158 15.36 36.86 -0.82
N ILE A 1159 16.03 36.75 0.32
CA ILE A 1159 15.47 36.03 1.46
C ILE A 1159 14.76 36.97 2.43
N GLU A 1160 15.28 38.18 2.63
CA GLU A 1160 14.67 39.07 3.61
C GLU A 1160 13.43 39.76 3.03
N ASP A 1161 12.57 38.96 2.40
CA ASP A 1161 11.21 39.35 2.08
C ASP A 1161 10.25 38.20 2.28
N LEU A 1162 10.66 37.17 3.00
CA LEU A 1162 9.92 35.97 3.37
C LEU A 1162 9.28 36.18 4.74
N PRO A 1163 8.27 35.35 5.09
CA PRO A 1163 7.66 35.46 6.42
C PRO A 1163 8.68 35.47 7.55
N GLY A 1164 9.51 34.44 7.64
CA GLY A 1164 10.58 34.41 8.62
C GLY A 1164 11.88 34.98 8.05
N LYS A 1165 12.76 35.41 8.95
CA LYS A 1165 14.06 35.91 8.54
C LYS A 1165 14.87 34.78 7.91
N MET A 1166 15.26 33.81 8.71
CA MET A 1166 15.82 32.54 8.24
C MET A 1166 14.92 31.36 8.54
N ASP A 1167 13.96 31.51 9.44
CA ASP A 1167 13.21 30.37 9.96
C ASP A 1167 11.97 30.05 9.14
N THR A 1168 12.00 30.30 7.84
CA THR A 1168 10.92 29.90 6.96
C THR A 1168 11.00 28.39 6.73
N GLU A 1169 9.97 27.67 7.16
CA GLU A 1169 9.89 26.26 6.85
C GLU A 1169 9.73 26.06 5.35
N LEU A 1170 10.44 25.10 4.80
CA LEU A 1170 10.53 24.90 3.37
C LEU A 1170 9.85 23.59 2.96
N ALA A 1171 9.66 23.43 1.66
CA ALA A 1171 9.10 22.23 1.09
C ALA A 1171 10.23 21.32 0.60
N GLU A 1172 9.88 20.25 -0.10
CA GLU A 1172 10.87 19.31 -0.58
C GLU A 1172 11.81 19.97 -1.57
N SER A 1173 13.11 19.83 -1.33
CA SER A 1173 14.16 20.35 -2.22
C SER A 1173 14.02 21.84 -2.47
N GLY A 1174 13.40 22.57 -1.54
CA GLY A 1174 13.18 23.99 -1.72
C GLY A 1174 12.32 24.29 -2.94
N SER A 1175 11.13 23.70 -2.99
CA SER A 1175 10.25 23.86 -4.16
C SER A 1175 9.90 25.33 -4.41
N ASN A 1176 9.96 26.17 -3.40
CA ASN A 1176 9.78 27.61 -3.56
C ASN A 1176 11.06 28.30 -4.02
N PHE A 1177 12.15 27.55 -4.18
CA PHE A 1177 13.41 28.08 -4.65
C PHE A 1177 13.67 27.56 -6.06
N SER A 1178 14.57 28.23 -6.78
CA SER A 1178 14.96 27.84 -8.12
C SER A 1178 16.25 27.03 -8.08
N VAL A 1179 16.53 26.34 -9.19
CA VAL A 1179 17.74 25.53 -9.28
C VAL A 1179 18.97 26.42 -9.11
N GLY A 1180 18.99 27.58 -9.78
CA GLY A 1180 20.07 28.52 -9.55
C GLY A 1180 20.13 29.01 -8.13
N GLN A 1181 18.97 29.24 -7.52
CA GLN A 1181 18.93 29.64 -6.12
C GLN A 1181 19.49 28.55 -5.22
N ARG A 1182 19.16 27.29 -5.52
CA ARG A 1182 19.71 26.17 -4.74
C ARG A 1182 21.23 26.10 -4.89
N GLN A 1183 21.74 26.31 -6.11
CA GLN A 1183 23.18 26.34 -6.32
C GLN A 1183 23.81 27.48 -5.52
N LEU A 1184 23.13 28.63 -5.46
CA LEU A 1184 23.61 29.73 -4.65
C LEU A 1184 23.64 29.36 -3.17
N VAL A 1185 22.65 28.59 -2.72
CA VAL A 1185 22.62 28.16 -1.32
C VAL A 1185 23.81 27.27 -1.01
N CYS A 1186 24.10 26.33 -1.91
CA CYS A 1186 25.27 25.46 -1.69
C CYS A 1186 26.57 26.25 -1.78
N LEU A 1187 26.63 27.26 -2.66
CA LEU A 1187 27.80 28.12 -2.72
C LEU A 1187 27.99 28.88 -1.42
N ALA A 1188 26.89 29.36 -0.84
CA ALA A 1188 26.96 30.00 0.46
C ALA A 1188 27.42 29.03 1.53
N ARG A 1189 26.95 27.78 1.47
CA ARG A 1189 27.46 26.75 2.38
C ARG A 1189 28.97 26.64 2.26
N ALA A 1190 29.47 26.53 1.03
CA ALA A 1190 30.92 26.40 0.81
C ALA A 1190 31.67 27.60 1.37
N ILE A 1191 31.12 28.80 1.17
CA ILE A 1191 31.73 30.00 1.73
C ILE A 1191 31.77 29.94 3.25
N LEU A 1192 30.68 29.44 3.86
CA LEU A 1192 30.61 29.38 5.32
C LEU A 1192 31.61 28.39 5.89
N ARG A 1193 31.78 27.22 5.24
CA ARG A 1193 32.71 26.24 5.77
C ARG A 1193 34.15 26.74 5.69
N LYS A 1194 34.46 27.58 4.70
CA LYS A 1194 35.74 28.27 4.56
C LYS A 1194 36.94 27.36 4.80
N ASN A 1195 36.86 26.14 4.28
CA ASN A 1195 38.02 25.27 4.24
C ASN A 1195 38.81 25.49 2.96
N GLN A 1196 40.07 25.06 2.96
CA GLN A 1196 41.02 25.42 1.92
C GLN A 1196 41.05 24.43 0.77
N ILE A 1197 40.08 23.53 0.68
CA ILE A 1197 39.94 22.62 -0.45
C ILE A 1197 38.50 22.70 -0.92
N LEU A 1198 38.28 22.48 -2.23
CA LEU A 1198 36.95 22.62 -2.77
C LEU A 1198 36.84 21.87 -4.08
N ILE A 1199 35.65 21.31 -4.34
CA ILE A 1199 35.37 20.53 -5.53
C ILE A 1199 34.03 20.97 -6.09
N ILE A 1200 33.99 21.25 -7.39
CA ILE A 1200 32.77 21.63 -8.10
C ILE A 1200 32.41 20.51 -9.07
N ASP A 1201 31.12 20.26 -9.24
CA ASP A 1201 30.67 19.21 -10.15
C ASP A 1201 29.35 19.65 -10.78
N GLU A 1202 29.31 19.68 -12.11
CA GLU A 1202 28.10 20.05 -12.86
C GLU A 1202 27.58 21.40 -12.38
N ALA A 1203 28.33 22.45 -12.69
CA ALA A 1203 28.01 23.79 -12.19
C ALA A 1203 26.61 24.22 -12.57
N THR A 1204 26.35 24.36 -13.87
CA THR A 1204 25.06 24.86 -14.36
C THR A 1204 24.56 23.93 -15.46
N ALA A 1205 23.56 23.10 -15.14
CA ALA A 1205 23.00 22.20 -16.15
C ALA A 1205 22.16 22.95 -17.17
N ASN A 1206 21.06 23.56 -16.72
CA ASN A 1206 20.13 24.28 -17.60
C ASN A 1206 19.71 25.59 -16.94
N VAL A 1207 20.57 26.11 -16.08
CA VAL A 1207 20.29 27.31 -15.31
C VAL A 1207 20.35 28.52 -16.24
N ASP A 1208 19.58 29.56 -15.93
CA ASP A 1208 19.50 30.74 -16.78
C ASP A 1208 20.85 31.43 -16.90
N PRO A 1209 21.14 32.04 -18.05
CA PRO A 1209 22.50 32.56 -18.30
C PRO A 1209 22.96 33.60 -17.29
N ARG A 1210 22.06 34.47 -16.82
CA ARG A 1210 22.45 35.46 -15.82
C ARG A 1210 22.97 34.78 -14.56
N THR A 1211 22.21 33.82 -14.05
CA THR A 1211 22.64 33.06 -12.88
C THR A 1211 23.88 32.23 -13.21
N ASP A 1212 24.01 31.76 -14.45
CA ASP A 1212 25.22 31.05 -14.85
C ASP A 1212 26.45 31.91 -14.63
N GLU A 1213 26.52 33.07 -15.29
CA GLU A 1213 27.68 33.94 -15.17
C GLU A 1213 27.85 34.44 -13.74
N LEU A 1214 26.74 34.67 -13.03
CA LEU A 1214 26.82 35.04 -11.62
C LEU A 1214 27.58 33.98 -10.82
N ILE A 1215 27.18 32.72 -10.97
CA ILE A 1215 27.81 31.62 -10.25
C ILE A 1215 29.28 31.52 -10.64
N GLN A 1216 29.57 31.65 -11.94
CA GLN A 1216 30.94 31.53 -12.42
C GLN A 1216 31.85 32.61 -11.82
N LYS A 1217 31.38 33.86 -11.85
CA LYS A 1217 32.22 34.93 -11.32
C LYS A 1217 32.42 34.78 -9.83
N LYS A 1218 31.41 34.29 -9.10
CA LYS A 1218 31.65 34.01 -7.68
C LYS A 1218 32.62 32.86 -7.50
N ILE A 1219 32.56 31.84 -8.36
CA ILE A 1219 33.47 30.70 -8.24
C ILE A 1219 34.92 31.16 -8.35
N ARG A 1220 35.23 32.01 -9.33
CA ARG A 1220 36.58 32.56 -9.35
C ARG A 1220 36.85 33.50 -8.18
N GLU A 1221 36.14 34.62 -8.09
CA GLU A 1221 36.67 35.71 -7.25
C GLU A 1221 36.37 35.55 -5.75
N LYS A 1222 35.53 34.59 -5.34
CA LYS A 1222 35.53 34.25 -3.92
C LYS A 1222 36.55 33.18 -3.54
N PHE A 1223 36.81 32.21 -4.42
CA PHE A 1223 37.65 31.07 -4.08
C PHE A 1223 39.01 31.14 -4.76
N ALA A 1224 39.61 32.34 -4.82
CA ALA A 1224 40.92 32.48 -5.43
C ALA A 1224 42.00 31.74 -4.64
N HIS A 1225 41.95 31.82 -3.31
CA HIS A 1225 42.97 31.22 -2.47
C HIS A 1225 42.52 29.90 -1.84
N CYS A 1226 41.52 29.26 -2.42
CA CYS A 1226 41.04 27.96 -1.98
C CYS A 1226 41.23 26.97 -3.13
N THR A 1227 42.10 25.98 -2.93
CA THR A 1227 42.36 24.98 -3.97
C THR A 1227 41.04 24.43 -4.51
N VAL A 1228 40.93 24.41 -5.84
CA VAL A 1228 39.68 24.10 -6.51
C VAL A 1228 39.92 22.99 -7.54
N LEU A 1229 39.13 21.92 -7.44
CA LEU A 1229 39.02 20.93 -8.49
C LEU A 1229 37.64 21.09 -9.12
N THR A 1230 37.56 21.03 -10.45
CA THR A 1230 36.31 21.25 -11.14
C THR A 1230 36.06 20.13 -12.13
N ILE A 1231 34.88 19.51 -12.05
CA ILE A 1231 34.46 18.46 -12.97
C ILE A 1231 33.24 19.01 -13.70
N ALA A 1232 33.46 19.59 -14.87
CA ALA A 1232 32.40 20.25 -15.61
C ALA A 1232 32.20 19.60 -16.97
N HIS A 1233 30.99 19.71 -17.50
CA HIS A 1233 30.62 19.16 -18.80
C HIS A 1233 31.01 20.10 -19.94
N ARG A 1234 31.43 21.33 -19.65
CA ARG A 1234 31.73 22.30 -20.68
C ARG A 1234 33.13 22.86 -20.47
N LEU A 1235 33.59 23.63 -21.46
CA LEU A 1235 34.95 24.14 -21.48
C LEU A 1235 35.06 25.58 -20.98
N ASN A 1236 34.13 26.45 -21.37
CA ASN A 1236 34.15 27.84 -20.91
C ASN A 1236 34.20 27.91 -19.40
N THR A 1237 33.56 26.97 -18.71
CA THR A 1237 33.63 26.91 -17.25
C THR A 1237 35.04 26.60 -16.77
N ILE A 1238 35.83 25.86 -17.55
CA ILE A 1238 37.11 25.36 -17.08
C ILE A 1238 38.25 25.75 -18.02
N ILE A 1239 37.97 26.64 -18.98
CA ILE A 1239 38.99 27.05 -19.93
C ILE A 1239 40.12 27.78 -19.21
N ASP A 1240 39.79 28.63 -18.24
CA ASP A 1240 40.78 29.42 -17.53
C ASP A 1240 41.36 28.72 -16.31
N SER A 1241 41.02 27.45 -16.09
CA SER A 1241 41.58 26.70 -14.99
C SER A 1241 43.08 26.52 -15.18
N ASP A 1242 43.80 26.41 -14.06
CA ASP A 1242 45.26 26.35 -14.12
C ASP A 1242 45.74 25.09 -14.83
N LYS A 1243 45.11 23.94 -14.54
CA LYS A 1243 45.51 22.67 -15.13
C LYS A 1243 44.26 21.84 -15.41
N ILE A 1244 44.45 20.68 -16.04
CA ILE A 1244 43.34 19.85 -16.49
C ILE A 1244 43.70 18.36 -16.46
N MET A 1245 42.96 17.58 -15.68
CA MET A 1245 42.96 16.13 -15.87
C MET A 1245 42.34 15.79 -17.22
N VAL A 1246 42.99 14.89 -17.96
CA VAL A 1246 42.44 14.31 -19.17
C VAL A 1246 42.23 12.84 -18.90
N LEU A 1247 40.97 12.42 -18.80
CA LEU A 1247 40.61 11.06 -18.42
C LEU A 1247 40.18 10.30 -19.67
N ASP A 1248 40.96 9.31 -20.06
CA ASP A 1248 40.69 8.51 -21.26
C ASP A 1248 40.16 7.15 -20.84
N SER A 1249 38.83 7.02 -20.85
CA SER A 1249 38.15 5.75 -20.55
C SER A 1249 38.64 5.16 -19.22
N GLY A 1250 38.71 6.01 -18.20
CA GLY A 1250 39.20 5.58 -16.91
C GLY A 1250 40.69 5.61 -16.75
N ARG A 1251 41.40 6.40 -17.55
CA ARG A 1251 42.85 6.50 -17.48
C ARG A 1251 43.28 7.94 -17.68
N LEU A 1252 44.09 8.44 -16.74
CA LEU A 1252 44.68 9.77 -16.87
C LEU A 1252 45.82 9.71 -17.88
N LYS A 1253 45.76 10.54 -18.91
CA LYS A 1253 46.76 10.58 -19.96
C LYS A 1253 47.48 11.91 -20.04
N GLU A 1254 46.76 13.02 -20.04
CA GLU A 1254 47.32 14.35 -20.25
C GLU A 1254 46.99 15.25 -19.07
N TYR A 1255 47.98 16.00 -18.62
CA TYR A 1255 47.81 16.92 -17.48
C TYR A 1255 48.83 18.04 -17.58
N ASP A 1256 48.37 19.23 -17.98
CA ASP A 1256 49.21 20.41 -18.02
C ASP A 1256 48.27 21.61 -18.14
N GLU A 1257 48.84 22.79 -18.40
CA GLU A 1257 48.02 23.96 -18.62
C GLU A 1257 47.22 23.80 -19.92
N PRO A 1258 46.02 24.40 -20.00
CA PRO A 1258 45.20 24.20 -21.21
C PRO A 1258 45.85 24.70 -22.49
N TYR A 1259 46.58 25.81 -22.41
CA TYR A 1259 47.23 26.34 -23.61
C TYR A 1259 48.29 25.39 -24.12
N VAL A 1260 49.06 24.77 -23.21
CA VAL A 1260 50.07 23.80 -23.62
C VAL A 1260 49.41 22.60 -24.31
N LEU A 1261 48.31 22.11 -23.75
CA LEU A 1261 47.59 21.01 -24.38
C LEU A 1261 47.02 21.41 -25.74
N LEU A 1262 46.64 22.67 -25.89
CA LEU A 1262 46.18 23.15 -27.19
C LEU A 1262 47.32 23.33 -28.18
N GLN A 1263 48.54 23.51 -27.70
CA GLN A 1263 49.69 23.59 -28.60
C GLN A 1263 49.85 22.29 -29.39
N ASN A 1264 49.69 21.14 -28.72
CA ASN A 1264 49.80 19.84 -29.36
C ASN A 1264 48.46 19.48 -29.98
N LYS A 1265 48.42 19.41 -31.31
CA LYS A 1265 47.18 19.10 -32.01
C LYS A 1265 46.69 17.69 -31.74
N GLU A 1266 47.56 16.80 -31.26
CA GLU A 1266 47.16 15.41 -31.00
C GLU A 1266 46.59 15.22 -29.60
N SER A 1267 46.60 16.24 -28.76
CA SER A 1267 46.04 16.12 -27.43
C SER A 1267 44.53 15.98 -27.50
N LEU A 1268 43.97 15.14 -26.62
CA LEU A 1268 42.52 14.97 -26.58
C LEU A 1268 41.81 16.27 -26.24
N PHE A 1269 42.45 17.14 -25.46
CA PHE A 1269 41.89 18.46 -25.18
C PHE A 1269 41.71 19.25 -26.47
N TYR A 1270 42.72 19.22 -27.34
CA TYR A 1270 42.62 19.87 -28.64
C TYR A 1270 41.47 19.29 -29.45
N LYS A 1271 41.34 17.96 -29.46
CA LYS A 1271 40.29 17.32 -30.24
C LYS A 1271 38.90 17.73 -29.75
N MET A 1272 38.69 17.73 -28.44
CA MET A 1272 37.38 18.08 -27.92
C MET A 1272 37.14 19.58 -27.88
N VAL A 1273 38.17 20.40 -28.02
CA VAL A 1273 37.97 21.82 -28.32
C VAL A 1273 37.47 21.98 -29.75
N GLN A 1274 38.13 21.30 -30.70
CA GLN A 1274 37.77 21.43 -32.10
C GLN A 1274 36.41 20.81 -32.41
N GLN A 1275 35.97 19.82 -31.63
CA GLN A 1275 34.69 19.19 -31.89
C GLN A 1275 33.52 20.16 -31.70
N LEU A 1276 33.70 21.21 -30.90
CA LEU A 1276 32.63 22.17 -30.67
C LEU A 1276 32.30 22.94 -31.95
N GLY A 1277 33.33 23.46 -32.61
CA GLY A 1277 33.12 24.26 -33.80
C GLY A 1277 34.40 24.99 -34.18
N LYS A 1278 34.23 26.00 -35.04
CA LYS A 1278 35.35 26.83 -35.46
C LYS A 1278 35.45 28.11 -34.63
N ALA A 1279 34.38 28.91 -34.63
CA ALA A 1279 34.38 30.15 -33.86
C ALA A 1279 34.50 29.87 -32.36
N GLU A 1280 33.77 28.85 -31.87
CA GLU A 1280 33.85 28.49 -30.46
C GLU A 1280 35.26 28.05 -30.08
N ALA A 1281 35.86 27.20 -30.91
CA ALA A 1281 37.22 26.74 -30.63
C ALA A 1281 38.22 27.88 -30.71
N ALA A 1282 38.05 28.78 -31.69
CA ALA A 1282 38.94 29.93 -31.79
C ALA A 1282 38.86 30.82 -30.57
N ALA A 1283 37.63 31.10 -30.10
CA ALA A 1283 37.46 31.93 -28.91
C ALA A 1283 38.05 31.23 -27.68
N LEU A 1284 37.85 29.92 -27.56
CA LEU A 1284 38.39 29.19 -26.42
C LEU A 1284 39.91 29.22 -26.41
N THR A 1285 40.52 28.99 -27.58
CA THR A 1285 41.97 29.03 -27.69
C THR A 1285 42.50 30.43 -27.40
N GLU A 1286 41.79 31.46 -27.88
CA GLU A 1286 42.21 32.83 -27.60
C GLU A 1286 42.16 33.12 -26.10
N THR A 1287 41.11 32.67 -25.42
CA THR A 1287 41.02 32.88 -23.98
C THR A 1287 42.13 32.15 -23.23
N ALA A 1288 42.41 30.91 -23.64
CA ALA A 1288 43.50 30.16 -23.02
C ALA A 1288 44.84 30.84 -23.24
N LYS A 1289 45.06 31.36 -24.45
CA LYS A 1289 46.31 32.07 -24.75
C LYS A 1289 46.42 33.35 -23.93
N GLN A 1290 45.30 34.06 -23.77
CA GLN A 1290 45.30 35.27 -22.95
C GLN A 1290 45.68 34.95 -21.51
N VAL A 1291 45.09 33.89 -20.96
CA VAL A 1291 45.42 33.47 -19.59
C VAL A 1291 46.90 33.10 -19.51
N TYR A 1292 47.39 32.33 -20.48
CA TYR A 1292 48.78 31.91 -20.50
C TYR A 1292 49.73 33.11 -20.49
N PHE A 1293 49.47 34.07 -21.38
CA PHE A 1293 50.38 35.21 -21.53
C PHE A 1293 50.28 36.19 -20.38
N LYS A 1294 49.10 36.30 -19.75
CA LYS A 1294 48.98 37.15 -18.57
C LYS A 1294 49.62 36.48 -17.35
N ARG A 1295 49.67 35.15 -17.33
CA ARG A 1295 50.14 34.42 -16.16
C ARG A 1295 51.65 34.22 -16.17
N ASN A 1296 52.17 33.54 -17.19
CA ASN A 1296 53.57 33.12 -17.16
C ASN A 1296 54.56 34.21 -17.54
N TYR A 1297 54.12 35.25 -18.25
CA TYR A 1297 54.97 36.39 -18.60
C TYR A 1297 54.33 37.67 -18.08
N PRO A 1298 54.76 38.14 -16.90
CA PRO A 1298 54.23 39.36 -16.28
C PRO A 1298 54.90 40.63 -16.81
#